data_8ZL1
#
_entry.id   8ZL1
#
_cell.length_a   1.00
_cell.length_b   1.00
_cell.length_c   1.00
_cell.angle_alpha   90.00
_cell.angle_beta   90.00
_cell.angle_gamma   90.00
#
_symmetry.space_group_name_H-M   'P 1'
#
loop_
_entity.id
_entity.type
_entity.pdbx_description
1 polymer "Protein I'm not dead yet"
2 non-polymer PHOSPHATIDYLETHANOLAMINE
#
_entity_poly.entity_id   1
_entity_poly.type   'polypeptide(L)'
_entity_poly.pdbx_seq_one_letter_code
;MATETTKMIYTPPPLDIKMEIEIGEQPQPPVKCSNFFANHWKGLVVFLVPLLCLPVMLLNEGAEFRCMYLLLVMAIFWVT
EALPLYVTSMIPIVAFPIMGIMSSDQTCRLYFKDTLVMFMGGIMVALAVEYCNLHKRLALRVIQIVGCSPRRLHFGLIMV
TMFLSMWISNAACTAMMCPIIQAVLEELQAQGVCKINHEPQYQIVGGNKKNNEDEPPYPTKITLCYYLGIAYASSLGGCG
TIIGTATNLTFKGIYEARFKNSTEQMDFPTFMFYSVPSMLVYTLLTFVFLQWHFMGLWRPKSKEAQEVQRGREGADVAKK
VIDQRYKDLGPMSIHEIQVMILFIFMVVMYFTRKPGIFLGWADLLNSKDIRNSMPTIFVVVMCFMLPANYAFLRYCTRRG
GPVPTGPTPSLITWKFIQTKVPWGLVFLLGGGFALAEGSKQSGMAKLIGNALIGLKVLPNSVLLLVVILVAVFLTAFSSN
VAIANIIIPVLAEMSLAIEIHPLYLILPAGLACSMAFHLPVSTPPNALVAGYANIRTKDMAIAGIGPTIITIITLFVFCQ
TWGLVVYPNLNSFPEWAQIYAAAALGNKTH
;
_entity_poly.pdbx_strand_id   A,B
#
# COMPACT_ATOMS: atom_id res chain seq x y z
N CYS A 33 -25.89 -26.73 -24.42
CA CYS A 33 -25.53 -26.21 -23.11
C CYS A 33 -24.02 -26.14 -22.94
N SER A 34 -23.30 -26.57 -23.98
CA SER A 34 -21.85 -26.49 -23.94
C SER A 34 -21.37 -25.04 -23.90
N ASN A 35 -22.07 -24.16 -24.63
CA ASN A 35 -21.70 -22.75 -24.63
C ASN A 35 -21.87 -22.13 -23.24
N PHE A 36 -22.77 -22.68 -22.43
CA PHE A 36 -22.91 -22.19 -21.05
C PHE A 36 -21.61 -22.39 -20.28
N PHE A 37 -21.01 -23.57 -20.39
CA PHE A 37 -19.69 -23.79 -19.80
C PHE A 37 -18.63 -22.94 -20.47
N ALA A 38 -18.70 -22.83 -21.80
CA ALA A 38 -17.67 -22.10 -22.53
C ALA A 38 -17.69 -20.60 -22.25
N ASN A 39 -18.78 -20.08 -21.70
CA ASN A 39 -18.91 -18.64 -21.48
C ASN A 39 -19.00 -18.25 -20.01
N HIS A 40 -19.39 -19.16 -19.12
CA HIS A 40 -19.57 -18.84 -17.72
C HIS A 40 -18.83 -19.85 -16.84
N TRP A 41 -17.67 -20.31 -17.28
CA TRP A 41 -16.90 -21.25 -16.47
C TRP A 41 -16.17 -20.57 -15.32
N LYS A 42 -15.72 -19.33 -15.51
CA LYS A 42 -14.94 -18.65 -14.48
C LYS A 42 -15.78 -18.43 -13.22
N GLY A 43 -16.94 -17.84 -13.36
CA GLY A 43 -17.81 -17.65 -12.22
C GLY A 43 -18.36 -18.95 -11.67
N LEU A 44 -18.53 -19.96 -12.54
CA LEU A 44 -18.92 -21.27 -12.05
C LEU A 44 -17.86 -21.85 -11.12
N VAL A 45 -16.60 -21.70 -11.49
CA VAL A 45 -15.50 -22.09 -10.61
C VAL A 45 -15.54 -21.29 -9.32
N VAL A 46 -15.77 -19.97 -9.44
CA VAL A 46 -15.84 -19.11 -8.26
C VAL A 46 -16.91 -19.61 -7.30
N PHE A 47 -18.07 -19.98 -7.84
CA PHE A 47 -19.19 -20.38 -7.01
C PHE A 47 -19.04 -21.79 -6.45
N LEU A 48 -18.35 -22.68 -7.17
CA LEU A 48 -18.32 -24.09 -6.80
C LEU A 48 -17.10 -24.47 -5.96
N VAL A 49 -15.93 -23.89 -6.24
CA VAL A 49 -14.70 -24.33 -5.57
C VAL A 49 -14.78 -24.22 -4.06
N PRO A 50 -15.26 -23.12 -3.46
CA PRO A 50 -15.38 -23.10 -2.00
C PRO A 50 -16.27 -24.21 -1.45
N LEU A 51 -17.40 -24.47 -2.12
CA LEU A 51 -18.29 -25.53 -1.65
C LEU A 51 -17.63 -26.90 -1.80
N LEU A 52 -16.89 -27.11 -2.88
CA LEU A 52 -16.24 -28.40 -3.08
C LEU A 52 -15.09 -28.62 -2.11
N CYS A 53 -14.40 -27.54 -1.73
CA CYS A 53 -13.28 -27.64 -0.80
C CYS A 53 -13.70 -27.58 0.67
N LEU A 54 -14.94 -27.21 0.95
CA LEU A 54 -15.50 -27.17 2.30
C LEU A 54 -15.26 -28.44 3.11
N PRO A 55 -15.31 -29.64 2.51
CA PRO A 55 -14.99 -30.85 3.29
C PRO A 55 -13.64 -30.82 3.97
N VAL A 56 -12.68 -30.06 3.45
CA VAL A 56 -11.39 -29.93 4.14
C VAL A 56 -11.59 -29.32 5.52
N MET A 57 -12.38 -28.25 5.61
CA MET A 57 -12.70 -27.67 6.91
C MET A 57 -13.56 -28.60 7.75
N LEU A 58 -14.57 -29.22 7.13
CA LEU A 58 -15.53 -29.97 7.94
C LEU A 58 -14.93 -31.25 8.53
N LEU A 59 -14.14 -31.98 7.75
CA LEU A 59 -13.68 -33.29 8.20
C LEU A 59 -12.59 -33.20 9.28
N ASN A 60 -11.72 -32.20 9.19
CA ASN A 60 -10.62 -32.04 10.13
C ASN A 60 -10.81 -30.79 10.97
N GLU A 61 -10.44 -30.88 12.25
CA GLU A 61 -10.84 -29.87 13.22
C GLU A 61 -9.81 -28.76 13.42
N GLY A 62 -8.53 -29.05 13.21
CA GLY A 62 -7.50 -28.08 13.54
C GLY A 62 -7.58 -26.82 12.69
N ALA A 63 -7.11 -25.71 13.26
CA ALA A 63 -7.05 -24.46 12.52
C ALA A 63 -6.07 -24.53 11.36
N GLU A 64 -5.08 -25.41 11.45
CA GLU A 64 -4.18 -25.63 10.32
C GLU A 64 -4.95 -26.10 9.10
N PHE A 65 -6.01 -26.88 9.30
CA PHE A 65 -6.81 -27.33 8.17
C PHE A 65 -7.70 -26.23 7.61
N ARG A 66 -8.18 -25.31 8.44
CA ARG A 66 -8.86 -24.14 7.91
C ARG A 66 -7.92 -23.29 7.07
N CYS A 67 -6.68 -23.11 7.55
CA CYS A 67 -5.70 -22.39 6.77
C CYS A 67 -5.38 -23.13 5.47
N MET A 68 -5.34 -24.46 5.53
CA MET A 68 -5.11 -25.26 4.32
C MET A 68 -6.26 -25.08 3.32
N TYR A 69 -7.49 -25.06 3.81
CA TYR A 69 -8.63 -24.81 2.92
C TYR A 69 -8.52 -23.44 2.27
N LEU A 70 -8.17 -22.43 3.05
CA LEU A 70 -8.02 -21.09 2.49
C LEU A 70 -6.93 -21.08 1.43
N LEU A 71 -5.79 -21.71 1.71
CA LEU A 71 -4.70 -21.75 0.74
C LEU A 71 -5.11 -22.50 -0.52
N LEU A 72 -5.85 -23.59 -0.37
CA LEU A 72 -6.28 -24.37 -1.53
C LEU A 72 -7.22 -23.56 -2.41
N VAL A 73 -8.19 -22.88 -1.81
CA VAL A 73 -9.11 -22.06 -2.59
C VAL A 73 -8.35 -20.93 -3.27
N MET A 74 -7.44 -20.28 -2.55
CA MET A 74 -6.68 -19.19 -3.13
C MET A 74 -5.80 -19.68 -4.28
N ALA A 75 -5.22 -20.87 -4.14
CA ALA A 75 -4.40 -21.42 -5.22
C ALA A 75 -5.24 -21.75 -6.45
N ILE A 76 -6.43 -22.32 -6.24
CA ILE A 76 -7.30 -22.62 -7.37
C ILE A 76 -7.71 -21.34 -8.08
N PHE A 77 -8.00 -20.28 -7.33
CA PHE A 77 -8.28 -18.99 -7.95
C PHE A 77 -7.08 -18.44 -8.69
N TRP A 78 -5.88 -18.62 -8.12
CA TRP A 78 -4.68 -18.12 -8.76
C TRP A 78 -4.42 -18.81 -10.10
N VAL A 79 -4.60 -20.13 -10.14
CA VAL A 79 -4.26 -20.89 -11.34
C VAL A 79 -5.17 -20.51 -12.50
N THR A 80 -6.48 -20.46 -12.24
CA THR A 80 -7.45 -20.24 -13.31
C THR A 80 -7.75 -18.77 -13.57
N GLU A 81 -7.27 -17.86 -12.71
CA GLU A 81 -7.61 -16.44 -12.81
C GLU A 81 -9.12 -16.22 -12.86
N ALA A 82 -9.85 -17.01 -12.05
CA ALA A 82 -11.29 -16.82 -11.94
C ALA A 82 -11.63 -15.46 -11.38
N LEU A 83 -10.72 -14.85 -10.63
CA LEU A 83 -10.78 -13.48 -10.15
C LEU A 83 -9.46 -12.83 -10.50
N PRO A 84 -9.41 -11.49 -10.56
CA PRO A 84 -8.12 -10.83 -10.70
C PRO A 84 -7.20 -11.22 -9.55
N LEU A 85 -5.92 -11.41 -9.87
CA LEU A 85 -4.98 -11.91 -8.86
C LEU A 85 -4.91 -10.98 -7.66
N TYR A 86 -4.97 -9.67 -7.91
CA TYR A 86 -4.93 -8.70 -6.83
C TYR A 86 -6.12 -8.86 -5.89
N VAL A 87 -7.31 -9.09 -6.45
CA VAL A 87 -8.50 -9.29 -5.63
C VAL A 87 -8.37 -10.57 -4.81
N THR A 88 -7.90 -11.65 -5.45
CA THR A 88 -7.71 -12.90 -4.71
C THR A 88 -6.73 -12.73 -3.57
N SER A 89 -5.69 -11.92 -3.77
CA SER A 89 -4.71 -11.68 -2.72
C SER A 89 -5.31 -10.94 -1.53
N MET A 90 -6.44 -10.26 -1.70
CA MET A 90 -7.08 -9.59 -0.57
C MET A 90 -7.80 -10.55 0.36
N ILE A 91 -8.10 -11.76 -0.09
CA ILE A 91 -8.91 -12.72 0.65
C ILE A 91 -8.36 -12.98 2.05
N PRO A 92 -7.03 -13.12 2.25
CA PRO A 92 -6.54 -13.35 3.62
C PRO A 92 -6.99 -12.33 4.63
N ILE A 93 -7.11 -11.06 4.24
CA ILE A 93 -7.51 -10.01 5.17
C ILE A 93 -8.87 -10.31 5.78
N VAL A 94 -9.76 -10.89 4.99
CA VAL A 94 -11.07 -11.27 5.51
C VAL A 94 -11.02 -12.63 6.20
N ALA A 95 -10.30 -13.58 5.60
CA ALA A 95 -10.39 -14.97 6.03
C ALA A 95 -9.69 -15.20 7.37
N PHE A 96 -8.50 -14.64 7.54
CA PHE A 96 -7.71 -14.94 8.74
C PHE A 96 -8.41 -14.52 10.03
N PRO A 97 -8.93 -13.29 10.17
CA PRO A 97 -9.66 -12.98 11.41
C PRO A 97 -10.89 -13.83 11.63
N ILE A 98 -11.58 -14.22 10.55
CA ILE A 98 -12.80 -15.03 10.69
C ILE A 98 -12.46 -16.40 11.25
N MET A 99 -11.40 -17.03 10.72
CA MET A 99 -11.02 -18.37 11.13
C MET A 99 -10.17 -18.39 12.39
N GLY A 100 -9.86 -17.23 12.96
CA GLY A 100 -9.08 -17.18 14.18
C GLY A 100 -7.60 -17.40 14.01
N ILE A 101 -7.09 -17.39 12.77
CA ILE A 101 -5.67 -17.61 12.55
C ILE A 101 -4.85 -16.44 13.11
N MET A 102 -5.26 -15.22 12.78
CA MET A 102 -4.54 -14.03 13.20
C MET A 102 -5.52 -12.88 13.42
N SER A 103 -5.09 -11.91 14.21
CA SER A 103 -5.88 -10.71 14.42
C SER A 103 -5.92 -9.88 13.14
N SER A 104 -6.96 -9.04 13.04
CA SER A 104 -7.11 -8.21 11.84
C SER A 104 -5.97 -7.22 11.70
N ASP A 105 -5.54 -6.62 12.81
CA ASP A 105 -4.47 -5.64 12.75
C ASP A 105 -3.16 -6.27 12.28
N GLN A 106 -2.83 -7.45 12.83
CA GLN A 106 -1.59 -8.11 12.46
C GLN A 106 -1.61 -8.57 11.01
N THR A 107 -2.74 -9.11 10.55
CA THR A 107 -2.84 -9.55 9.17
C THR A 107 -2.67 -8.39 8.19
N CYS A 108 -3.31 -7.27 8.48
CA CYS A 108 -3.17 -6.11 7.61
C CYS A 108 -1.75 -5.56 7.61
N ARG A 109 -1.07 -5.60 8.75
CA ARG A 109 0.29 -5.09 8.83
C ARG A 109 1.31 -6.07 8.25
N LEU A 110 0.93 -7.33 8.05
CA LEU A 110 1.80 -8.24 7.34
C LEU A 110 1.99 -7.81 5.90
N TYR A 111 0.92 -7.34 5.26
CA TYR A 111 1.04 -6.72 3.95
C TYR A 111 1.94 -5.49 4.03
N PHE A 112 2.45 -5.09 2.87
CA PHE A 112 3.28 -3.90 2.71
C PHE A 112 4.46 -3.98 3.69
N LYS A 113 5.08 -5.15 3.74
CA LYS A 113 6.22 -5.39 4.60
C LYS A 113 7.44 -4.60 4.10
N ASP A 114 8.54 -4.74 4.83
CA ASP A 114 9.78 -4.06 4.47
C ASP A 114 10.22 -4.45 3.06
N THR A 115 10.24 -5.74 2.77
CA THR A 115 10.63 -6.17 1.43
C THR A 115 9.67 -5.68 0.37
N LEU A 116 8.38 -5.58 0.69
CA LEU A 116 7.44 -5.04 -0.28
C LEU A 116 7.66 -3.55 -0.50
N VAL A 117 8.02 -2.81 0.56
CA VAL A 117 8.41 -1.43 0.38
C VAL A 117 9.62 -1.33 -0.53
N MET A 118 10.57 -2.25 -0.37
CA MET A 118 11.73 -2.29 -1.25
C MET A 118 11.32 -2.52 -2.70
N PHE A 119 10.40 -3.47 -2.93
CA PHE A 119 9.98 -3.78 -4.28
C PHE A 119 9.26 -2.59 -4.92
N MET A 120 8.36 -1.96 -4.16
CA MET A 120 7.60 -0.83 -4.69
C MET A 120 8.51 0.35 -4.96
N GLY A 121 9.48 0.60 -4.07
CA GLY A 121 10.44 1.65 -4.32
C GLY A 121 11.32 1.35 -5.52
N GLY A 122 11.65 0.08 -5.73
CA GLY A 122 12.40 -0.28 -6.93
C GLY A 122 11.60 -0.02 -8.20
N ILE A 123 10.30 -0.30 -8.15
CA ILE A 123 9.44 0.03 -9.28
C ILE A 123 9.42 1.54 -9.50
N MET A 124 9.35 2.31 -8.42
CA MET A 124 9.36 3.77 -8.54
C MET A 124 10.67 4.27 -9.12
N VAL A 125 11.79 3.67 -8.72
CA VAL A 125 13.09 4.06 -9.27
C VAL A 125 13.17 3.71 -10.75
N ALA A 126 12.62 2.56 -11.13
CA ALA A 126 12.55 2.21 -12.55
C ALA A 126 11.73 3.23 -13.32
N LEU A 127 10.62 3.70 -12.71
CA LEU A 127 9.85 4.77 -13.33
C LEU A 127 10.66 6.04 -13.45
N ALA A 128 11.48 6.34 -12.45
CA ALA A 128 12.35 7.52 -12.52
C ALA A 128 13.34 7.38 -13.68
N VAL A 129 13.88 6.18 -13.89
CA VAL A 129 14.76 5.95 -15.03
C VAL A 129 14.00 6.14 -16.33
N GLU A 130 12.76 5.64 -16.38
CA GLU A 130 11.98 5.74 -17.61
C GLU A 130 11.58 7.18 -17.92
N TYR A 131 11.33 7.99 -16.89
CA TYR A 131 10.83 9.34 -17.11
C TYR A 131 11.86 10.20 -17.81
N CYS A 132 13.14 10.02 -17.49
CA CYS A 132 14.22 10.76 -18.12
C CYS A 132 14.71 10.11 -19.41
N ASN A 133 14.01 9.06 -19.88
CA ASN A 133 14.34 8.38 -21.12
C ASN A 133 15.73 7.76 -21.09
N LEU A 134 16.23 7.46 -19.89
CA LEU A 134 17.51 6.77 -19.78
C LEU A 134 17.43 5.34 -20.32
N HIS A 135 16.24 4.73 -20.23
CA HIS A 135 16.09 3.35 -20.69
C HIS A 135 16.36 3.23 -22.18
N LYS A 136 15.91 4.21 -22.97
CA LYS A 136 16.18 4.18 -24.39
C LYS A 136 17.66 4.29 -24.68
N ARG A 137 18.37 5.16 -23.94
CA ARG A 137 19.81 5.29 -24.13
C ARG A 137 20.52 4.00 -23.80
N LEU A 138 20.15 3.35 -22.69
CA LEU A 138 20.77 2.09 -22.32
C LEU A 138 20.49 1.01 -23.34
N ALA A 139 19.25 0.95 -23.84
CA ALA A 139 18.90 -0.05 -24.85
C ALA A 139 19.69 0.17 -26.12
N LEU A 140 19.83 1.43 -26.55
CA LEU A 140 20.62 1.71 -27.74
C LEU A 140 22.09 1.33 -27.55
N ARG A 141 22.62 1.61 -26.36
CA ARG A 141 24.00 1.20 -26.07
C ARG A 141 24.15 -0.31 -26.16
N VAL A 142 23.21 -1.05 -25.60
CA VAL A 142 23.27 -2.51 -25.64
C VAL A 142 23.14 -3.02 -27.07
N ILE A 143 22.27 -2.38 -27.87
CA ILE A 143 22.12 -2.76 -29.26
C ILE A 143 23.42 -2.55 -30.02
N GLN A 144 24.09 -1.43 -29.76
CA GLN A 144 25.41 -1.20 -30.34
C GLN A 144 26.39 -2.29 -29.92
N ILE A 145 26.32 -2.71 -28.65
CA ILE A 145 27.23 -3.73 -28.16
C ILE A 145 27.02 -5.06 -28.88
N VAL A 146 25.76 -5.47 -29.03
CA VAL A 146 25.44 -6.82 -29.48
C VAL A 146 25.21 -6.88 -30.97
N GLY A 147 24.37 -6.00 -31.52
CA GLY A 147 24.21 -5.95 -32.97
C GLY A 147 22.82 -6.24 -33.53
N CYS A 148 21.78 -5.91 -32.77
CA CYS A 148 20.40 -5.88 -33.29
C CYS A 148 19.96 -7.22 -33.87
N SER A 149 20.25 -8.30 -33.15
CA SER A 149 19.75 -9.63 -33.48
C SER A 149 18.94 -10.15 -32.29
N PRO A 150 17.65 -10.43 -32.46
CA PRO A 150 16.82 -10.76 -31.29
C PRO A 150 17.33 -11.96 -30.51
N ARG A 151 17.86 -12.97 -31.20
CA ARG A 151 18.46 -14.11 -30.51
C ARG A 151 19.64 -13.67 -29.66
N ARG A 152 20.56 -12.91 -30.27
CA ARG A 152 21.76 -12.48 -29.56
C ARG A 152 21.44 -11.49 -28.45
N LEU A 153 20.53 -10.54 -28.71
CA LEU A 153 20.11 -9.62 -27.65
C LEU A 153 19.46 -10.36 -26.50
N HIS A 154 18.60 -11.34 -26.80
CA HIS A 154 17.96 -12.11 -25.74
C HIS A 154 19.00 -12.85 -24.91
N PHE A 155 19.97 -13.47 -25.57
CA PHE A 155 21.04 -14.15 -24.85
C PHE A 155 21.82 -13.19 -23.97
N GLY A 156 22.18 -12.03 -24.51
CA GLY A 156 22.96 -11.07 -23.75
C GLY A 156 22.21 -10.52 -22.56
N LEU A 157 20.93 -10.19 -22.75
CA LEU A 157 20.12 -9.68 -21.65
C LEU A 157 19.94 -10.73 -20.57
N ILE A 158 19.72 -11.99 -20.97
CA ILE A 158 19.59 -13.07 -19.99
C ILE A 158 20.86 -13.19 -19.17
N MET A 159 22.02 -13.17 -19.83
CA MET A 159 23.28 -13.35 -19.10
C MET A 159 23.60 -12.15 -18.22
N VAL A 160 23.29 -10.94 -18.68
CA VAL A 160 23.51 -9.76 -17.85
C VAL A 160 22.62 -9.79 -16.62
N THR A 161 21.34 -10.15 -16.81
CA THR A 161 20.44 -10.26 -15.67
C THR A 161 20.93 -11.33 -14.69
N MET A 162 21.37 -12.47 -15.21
CA MET A 162 22.06 -13.48 -14.41
C MET A 162 23.16 -12.90 -13.54
N PHE A 163 24.13 -12.26 -14.20
CA PHE A 163 25.32 -11.80 -13.49
C PHE A 163 24.97 -10.76 -12.43
N LEU A 164 24.05 -9.86 -12.75
CA LEU A 164 23.69 -8.83 -11.78
C LEU A 164 22.86 -9.41 -10.64
N SER A 165 21.99 -10.38 -10.92
CA SER A 165 21.22 -11.03 -9.87
C SER A 165 22.09 -11.91 -8.99
N MET A 166 23.28 -12.29 -9.45
CA MET A 166 24.20 -13.02 -8.58
C MET A 166 24.52 -12.24 -7.31
N TRP A 167 24.47 -10.92 -7.36
CA TRP A 167 24.86 -10.08 -6.22
C TRP A 167 23.71 -9.32 -5.59
N ILE A 168 22.61 -9.11 -6.29
CA ILE A 168 21.51 -8.28 -5.80
C ILE A 168 20.25 -9.15 -5.72
N SER A 169 19.25 -8.62 -5.02
CA SER A 169 17.98 -9.33 -4.88
C SER A 169 17.33 -9.50 -6.26
N ASN A 170 16.65 -10.63 -6.44
CA ASN A 170 16.07 -10.96 -7.75
C ASN A 170 15.02 -9.94 -8.17
N ALA A 171 14.13 -9.55 -7.25
CA ALA A 171 13.09 -8.59 -7.59
C ALA A 171 13.69 -7.24 -7.96
N ALA A 172 14.76 -6.84 -7.26
CA ALA A 172 15.41 -5.59 -7.60
C ALA A 172 15.96 -5.62 -9.02
N CYS A 173 16.59 -6.72 -9.40
CA CYS A 173 17.12 -6.85 -10.76
C CYS A 173 16.00 -6.87 -11.79
N THR A 174 14.89 -7.54 -11.49
CA THR A 174 13.78 -7.57 -12.42
C THR A 174 13.20 -6.18 -12.64
N ALA A 175 12.99 -5.44 -11.56
CA ALA A 175 12.48 -4.07 -11.67
C ALA A 175 13.47 -3.19 -12.41
N MET A 176 14.75 -3.40 -12.16
CA MET A 176 15.79 -2.68 -12.89
C MET A 176 15.69 -2.94 -14.39
N MET A 177 15.55 -4.20 -14.78
CA MET A 177 15.67 -4.57 -16.18
C MET A 177 14.40 -4.35 -16.99
N CYS A 178 13.23 -4.34 -16.35
CA CYS A 178 11.99 -4.19 -17.11
C CYS A 178 11.96 -2.98 -18.04
N PRO A 179 12.31 -1.76 -17.60
CA PRO A 179 12.32 -0.64 -18.56
C PRO A 179 13.29 -0.83 -19.70
N ILE A 180 14.46 -1.44 -19.43
CA ILE A 180 15.43 -1.67 -20.50
C ILE A 180 14.88 -2.63 -21.53
N ILE A 181 14.20 -3.69 -21.07
CA ILE A 181 13.61 -4.64 -22.00
C ILE A 181 12.51 -3.97 -22.81
N GLN A 182 11.68 -3.15 -22.15
CA GLN A 182 10.67 -2.41 -22.89
C GLN A 182 11.30 -1.54 -23.97
N ALA A 183 12.39 -0.85 -23.63
CA ALA A 183 13.06 0.02 -24.59
C ALA A 183 13.63 -0.76 -25.76
N VAL A 184 14.26 -1.92 -25.50
CA VAL A 184 14.87 -2.66 -26.58
C VAL A 184 13.79 -3.26 -27.48
N LEU A 185 12.68 -3.73 -26.90
CA LEU A 185 11.56 -4.18 -27.73
C LEU A 185 11.00 -3.04 -28.56
N GLU A 186 10.90 -1.84 -27.98
CA GLU A 186 10.41 -0.69 -28.75
C GLU A 186 11.33 -0.37 -29.90
N GLU A 187 12.65 -0.42 -29.67
CA GLU A 187 13.60 -0.16 -30.75
C GLU A 187 13.49 -1.20 -31.85
N LEU A 188 13.38 -2.48 -31.48
CA LEU A 188 13.22 -3.52 -32.49
C LEU A 188 11.95 -3.32 -33.28
N GLN A 189 10.84 -2.99 -32.60
CA GLN A 189 9.58 -2.74 -33.30
C GLN A 189 9.70 -1.55 -34.24
N ALA A 190 10.41 -0.50 -33.80
CA ALA A 190 10.64 0.64 -34.68
C ALA A 190 11.46 0.26 -35.89
N GLN A 191 12.35 -0.72 -35.76
CA GLN A 191 13.01 -1.28 -36.93
C GLN A 191 12.06 -2.12 -37.79
N GLY A 192 10.85 -2.38 -37.30
CA GLY A 192 9.90 -3.17 -38.06
C GLY A 192 10.17 -4.65 -38.05
N VAL A 193 10.95 -5.14 -37.10
CA VAL A 193 11.33 -6.55 -37.10
C VAL A 193 10.37 -7.43 -36.31
N CYS A 194 9.56 -6.84 -35.42
CA CYS A 194 8.63 -7.61 -34.62
C CYS A 194 7.54 -6.68 -34.11
N LYS A 195 6.44 -7.30 -33.65
CA LYS A 195 5.30 -6.58 -33.10
C LYS A 195 5.24 -6.81 -31.60
N ILE A 196 5.10 -5.74 -30.83
CA ILE A 196 5.06 -5.86 -29.37
C ILE A 196 3.77 -6.52 -28.92
N ASN A 197 2.63 -6.09 -29.46
CA ASN A 197 1.33 -6.51 -28.97
C ASN A 197 0.47 -7.01 -30.12
N HIS A 198 -0.43 -7.94 -29.78
CA HIS A 198 -1.43 -8.41 -30.74
C HIS A 198 -2.45 -7.31 -31.03
N GLU A 199 -3.13 -7.46 -32.15
CA GLU A 199 -4.19 -6.52 -32.49
C GLU A 199 -5.35 -6.65 -31.52
N PRO A 200 -6.02 -5.54 -31.16
CA PRO A 200 -7.15 -5.58 -30.23
C PRO A 200 -8.42 -6.11 -30.87
N ASP A 214 -11.63 -3.71 -23.34
CA ASP A 214 -11.63 -3.48 -21.90
C ASP A 214 -10.42 -4.13 -21.24
N GLU A 215 -10.04 -5.30 -21.74
CA GLU A 215 -8.91 -6.03 -21.20
C GLU A 215 -7.59 -5.47 -21.73
N PRO A 216 -6.50 -5.62 -20.99
CA PRO A 216 -5.21 -5.13 -21.46
C PRO A 216 -4.74 -5.89 -22.69
N PRO A 217 -3.85 -5.31 -23.49
CA PRO A 217 -3.43 -5.97 -24.73
C PRO A 217 -2.74 -7.30 -24.47
N TYR A 218 -2.94 -8.23 -25.40
CA TYR A 218 -2.28 -9.53 -25.33
C TYR A 218 -0.87 -9.42 -25.86
N PRO A 219 0.15 -9.79 -25.10
CA PRO A 219 1.53 -9.67 -25.59
C PRO A 219 1.82 -10.69 -26.66
N THR A 220 2.79 -10.36 -27.52
CA THR A 220 3.19 -11.24 -28.60
C THR A 220 4.19 -12.27 -28.09
N LYS A 221 4.69 -13.09 -29.02
CA LYS A 221 5.61 -14.15 -28.63
C LYS A 221 6.97 -13.59 -28.23
N ILE A 222 7.45 -12.56 -28.94
CA ILE A 222 8.76 -12.00 -28.63
C ILE A 222 8.73 -11.30 -27.27
N THR A 223 7.63 -10.60 -26.97
CA THR A 223 7.51 -9.92 -25.69
C THR A 223 7.49 -10.93 -24.54
N LEU A 224 6.70 -11.99 -24.69
CA LEU A 224 6.69 -13.05 -23.69
C LEU A 224 8.07 -13.66 -23.53
N CYS A 225 8.74 -13.94 -24.65
CA CYS A 225 10.07 -14.52 -24.58
C CYS A 225 11.02 -13.65 -23.78
N TYR A 226 11.10 -12.36 -24.13
CA TYR A 226 12.04 -11.47 -23.45
C TYR A 226 11.71 -11.31 -21.97
N TYR A 227 10.44 -11.06 -21.64
CA TYR A 227 10.10 -10.77 -20.26
C TYR A 227 10.21 -12.01 -19.39
N LEU A 228 9.69 -13.15 -19.86
CA LEU A 228 9.87 -14.40 -19.12
C LEU A 228 11.34 -14.76 -19.01
N GLY A 229 12.15 -14.43 -20.03
CA GLY A 229 13.57 -14.66 -19.91
C GLY A 229 14.20 -13.83 -18.81
N ILE A 230 13.82 -12.56 -18.70
CA ILE A 230 14.36 -11.72 -17.63
C ILE A 230 13.96 -12.26 -16.27
N ALA A 231 12.68 -12.61 -16.10
CA ALA A 231 12.22 -13.12 -14.81
C ALA A 231 12.94 -14.42 -14.45
N TYR A 232 13.00 -15.35 -15.40
CA TYR A 232 13.62 -16.64 -15.13
C TYR A 232 15.11 -16.49 -14.88
N ALA A 233 15.78 -15.60 -15.63
CA ALA A 233 17.19 -15.38 -15.43
C ALA A 233 17.46 -14.79 -14.05
N SER A 234 16.61 -13.86 -13.59
CA SER A 234 16.75 -13.34 -12.24
C SER A 234 16.62 -14.47 -11.23
N SER A 235 15.58 -15.29 -11.37
CA SER A 235 15.36 -16.38 -10.41
C SER A 235 16.53 -17.36 -10.41
N LEU A 236 17.11 -17.63 -11.58
CA LEU A 236 18.21 -18.58 -11.66
C LEU A 236 19.49 -17.99 -11.10
N GLY A 237 19.88 -16.82 -11.58
CA GLY A 237 21.10 -16.18 -11.13
C GLY A 237 21.08 -15.82 -9.65
N GLY A 238 19.91 -15.73 -9.04
CA GLY A 238 19.87 -15.52 -7.61
C GLY A 238 20.43 -16.67 -6.80
N CYS A 239 20.55 -17.86 -7.40
CA CYS A 239 21.03 -19.04 -6.70
C CYS A 239 22.54 -19.22 -6.83
N GLY A 240 23.22 -18.41 -7.64
CA GLY A 240 24.64 -18.61 -7.84
C GLY A 240 25.47 -18.29 -6.61
N THR A 241 25.09 -17.26 -5.86
CA THR A 241 25.89 -16.74 -4.77
C THR A 241 25.06 -16.65 -3.50
N ILE A 242 25.73 -16.79 -2.36
CA ILE A 242 25.06 -16.73 -1.06
C ILE A 242 24.40 -15.37 -0.85
N ILE A 243 24.82 -14.35 -1.58
CA ILE A 243 24.18 -13.04 -1.50
C ILE A 243 23.07 -12.89 -2.55
N GLY A 244 22.98 -13.82 -3.50
CA GLY A 244 22.06 -13.65 -4.62
C GLY A 244 20.62 -13.51 -4.20
N THR A 245 20.21 -14.24 -3.17
CA THR A 245 18.82 -14.17 -2.72
C THR A 245 18.75 -14.47 -1.24
N ALA A 246 17.65 -14.03 -0.62
CA ALA A 246 17.46 -14.23 0.81
C ALA A 246 17.32 -15.71 1.16
N THR A 247 16.85 -16.52 0.21
CA THR A 247 16.71 -17.95 0.46
C THR A 247 18.06 -18.60 0.73
N ASN A 248 19.09 -18.17 0.00
CA ASN A 248 20.43 -18.71 0.21
C ASN A 248 20.91 -18.45 1.62
N LEU A 249 20.79 -17.20 2.08
CA LEU A 249 21.15 -16.87 3.45
C LEU A 249 20.31 -17.65 4.44
N THR A 250 19.02 -17.81 4.14
CA THR A 250 18.13 -18.52 5.07
C THR A 250 18.58 -19.96 5.28
N PHE A 251 18.79 -20.71 4.18
CA PHE A 251 19.12 -22.12 4.40
C PHE A 251 20.57 -22.29 4.84
N LYS A 252 21.48 -21.38 4.45
CA LYS A 252 22.82 -21.44 5.00
C LYS A 252 22.81 -21.24 6.51
N GLY A 253 22.04 -20.25 6.98
CA GLY A 253 21.94 -20.03 8.41
C GLY A 253 21.29 -21.19 9.14
N ILE A 254 20.27 -21.78 8.53
CA ILE A 254 19.62 -22.93 9.16
C ILE A 254 20.60 -24.09 9.28
N TYR A 255 21.35 -24.37 8.22
CA TYR A 255 22.33 -25.46 8.26
C TYR A 255 23.41 -25.19 9.29
N GLU A 256 23.91 -23.95 9.34
CA GLU A 256 24.97 -23.63 10.30
C GLU A 256 24.47 -23.72 11.73
N ALA A 257 23.21 -23.33 11.95
CA ALA A 257 22.61 -23.41 13.30
C ALA A 257 22.51 -24.87 13.75
N ARG A 258 21.81 -25.71 12.96
CA ARG A 258 21.59 -27.11 13.38
C ARG A 258 22.93 -27.84 13.48
N PHE A 259 23.82 -27.63 12.50
CA PHE A 259 25.10 -28.36 12.51
C PHE A 259 26.26 -27.40 12.70
N LYS A 260 27.03 -27.60 13.77
CA LYS A 260 28.20 -26.72 14.07
C LYS A 260 29.41 -27.64 14.17
N ASN A 261 30.63 -27.10 14.10
CA ASN A 261 31.83 -27.98 14.08
C ASN A 261 31.70 -28.88 12.85
N SER A 262 31.20 -28.32 11.75
CA SER A 262 31.06 -29.08 10.49
C SER A 262 32.26 -28.77 9.59
N THR A 263 32.97 -29.80 9.14
CA THR A 263 34.17 -29.59 8.29
C THR A 263 33.74 -28.89 6.99
N GLU A 264 32.60 -29.30 6.44
CA GLU A 264 32.09 -28.67 5.19
C GLU A 264 31.50 -27.30 5.53
N GLN A 265 32.00 -26.24 4.87
CA GLN A 265 31.52 -24.89 5.14
C GLN A 265 30.82 -24.35 3.91
N MET A 266 29.64 -23.77 4.12
CA MET A 266 28.96 -23.03 3.05
C MET A 266 29.32 -21.55 3.10
N ASP A 267 30.62 -21.26 3.08
CA ASP A 267 31.09 -19.88 3.08
C ASP A 267 30.94 -19.30 1.68
N PHE A 268 31.31 -18.02 1.55
CA PHE A 268 31.15 -17.32 0.28
C PHE A 268 31.88 -17.97 -0.89
N PRO A 269 33.16 -18.34 -0.79
CA PRO A 269 33.82 -18.90 -1.97
C PRO A 269 33.35 -20.30 -2.32
N THR A 270 33.20 -21.18 -1.33
CA THR A 270 32.86 -22.57 -1.63
C THR A 270 31.45 -22.68 -2.20
N PHE A 271 30.51 -21.87 -1.70
CA PHE A 271 29.16 -21.89 -2.23
C PHE A 271 29.14 -21.49 -3.69
N MET A 272 29.88 -20.43 -4.04
CA MET A 272 29.99 -20.02 -5.44
C MET A 272 30.64 -21.11 -6.27
N PHE A 273 31.69 -21.73 -5.75
CA PHE A 273 32.37 -22.80 -6.48
C PHE A 273 31.42 -23.97 -6.75
N TYR A 274 30.52 -24.25 -5.83
CA TYR A 274 29.55 -25.32 -6.03
C TYR A 274 28.46 -24.92 -7.01
N SER A 275 28.03 -23.66 -6.96
CA SER A 275 26.79 -23.28 -7.64
C SER A 275 27.00 -22.76 -9.06
N VAL A 276 28.11 -22.08 -9.32
CA VAL A 276 28.27 -21.39 -10.61
C VAL A 276 28.17 -22.33 -11.81
N PRO A 277 28.86 -23.49 -11.85
CA PRO A 277 28.76 -24.33 -13.05
C PRO A 277 27.34 -24.77 -13.37
N SER A 278 26.62 -25.29 -12.37
CA SER A 278 25.24 -25.73 -12.60
C SER A 278 24.37 -24.55 -13.01
N MET A 279 24.55 -23.40 -12.37
CA MET A 279 23.74 -22.23 -12.70
C MET A 279 23.96 -21.81 -14.15
N LEU A 280 25.22 -21.79 -14.58
CA LEU A 280 25.52 -21.51 -15.99
C LEU A 280 24.82 -22.51 -16.90
N VAL A 281 24.91 -23.79 -16.57
CA VAL A 281 24.39 -24.81 -17.47
C VAL A 281 22.88 -24.69 -17.61
N TYR A 282 22.16 -24.62 -16.49
CA TYR A 282 20.71 -24.57 -16.65
C TYR A 282 20.19 -23.22 -17.09
N THR A 283 20.95 -22.12 -16.90
CA THR A 283 20.50 -20.86 -17.48
C THR A 283 20.69 -20.87 -18.99
N LEU A 284 21.79 -21.47 -19.47
CA LEU A 284 21.97 -21.61 -20.92
C LEU A 284 20.89 -22.49 -21.51
N LEU A 285 20.57 -23.60 -20.83
CA LEU A 285 19.52 -24.48 -21.31
C LEU A 285 18.15 -23.80 -21.28
N THR A 286 17.89 -22.98 -20.26
CA THR A 286 16.65 -22.23 -20.23
C THR A 286 16.57 -21.24 -21.39
N PHE A 287 17.68 -20.58 -21.70
CA PHE A 287 17.70 -19.68 -22.85
C PHE A 287 17.41 -20.46 -24.13
N VAL A 288 18.01 -21.63 -24.28
CA VAL A 288 17.77 -22.45 -25.47
C VAL A 288 16.30 -22.85 -25.54
N PHE A 289 15.72 -23.26 -24.41
CA PHE A 289 14.31 -23.66 -24.42
C PHE A 289 13.40 -22.50 -24.78
N LEU A 290 13.66 -21.32 -24.21
CA LEU A 290 12.82 -20.17 -24.55
C LEU A 290 12.94 -19.81 -26.02
N GLN A 291 14.15 -19.87 -26.57
CA GLN A 291 14.33 -19.65 -28.00
C GLN A 291 13.58 -20.69 -28.82
N TRP A 292 13.54 -21.94 -28.32
CA TRP A 292 12.91 -23.02 -29.06
C TRP A 292 11.39 -22.95 -28.99
N HIS A 293 10.84 -22.39 -27.91
CA HIS A 293 9.39 -22.43 -27.69
C HIS A 293 8.70 -21.19 -28.27
N PHE A 294 9.08 -20.01 -27.79
CA PHE A 294 8.45 -18.78 -28.27
C PHE A 294 8.95 -18.35 -29.64
N MET A 295 10.00 -18.99 -30.15
CA MET A 295 10.48 -18.78 -31.51
C MET A 295 10.91 -20.12 -32.09
N GLY A 296 11.17 -20.13 -33.38
CA GLY A 296 11.51 -21.36 -34.07
C GLY A 296 13.00 -21.63 -34.23
N LEU A 297 13.71 -21.83 -33.12
CA LEU A 297 15.14 -22.07 -33.22
C LEU A 297 15.42 -23.43 -33.85
N TRP A 298 14.76 -24.48 -33.37
CA TRP A 298 14.95 -25.82 -33.92
C TRP A 298 13.78 -26.29 -34.79
N ARG A 299 12.67 -25.55 -34.81
CA ARG A 299 11.58 -25.89 -35.71
C ARG A 299 11.46 -24.84 -36.80
N PRO A 300 11.31 -25.23 -38.06
CA PRO A 300 10.97 -24.24 -39.09
C PRO A 300 9.52 -23.80 -38.96
N LYS A 301 9.32 -22.58 -38.45
CA LYS A 301 8.00 -22.08 -38.14
C LYS A 301 7.88 -20.66 -38.67
N SER A 302 6.73 -20.03 -38.41
CA SER A 302 6.57 -18.61 -38.73
C SER A 302 7.55 -17.78 -37.91
N LYS A 303 7.76 -18.16 -36.65
CA LYS A 303 8.71 -17.45 -35.80
C LYS A 303 10.14 -17.61 -36.29
N GLU A 304 10.47 -18.76 -36.90
CA GLU A 304 11.78 -18.90 -37.50
C GLU A 304 11.95 -17.96 -38.68
N ALA A 305 10.91 -17.80 -39.49
CA ALA A 305 11.01 -16.95 -40.68
C ALA A 305 11.23 -15.50 -40.31
N GLN A 306 10.50 -15.00 -39.31
CA GLN A 306 10.66 -13.61 -38.93
C GLN A 306 12.05 -13.33 -38.38
N GLU A 307 12.59 -14.26 -37.59
CA GLU A 307 13.92 -14.07 -37.01
C GLU A 307 14.98 -13.98 -38.10
N VAL A 308 14.95 -14.90 -39.06
CA VAL A 308 15.96 -14.90 -40.11
C VAL A 308 15.79 -13.69 -41.02
N GLN A 309 14.56 -13.35 -41.36
CA GLN A 309 14.35 -12.21 -42.25
C GLN A 309 14.78 -10.90 -41.59
N ARG A 310 14.56 -10.76 -40.28
CA ARG A 310 15.02 -9.56 -39.60
C ARG A 310 16.52 -9.58 -39.37
N GLY A 311 17.12 -10.77 -39.26
CA GLY A 311 18.57 -10.86 -39.17
C GLY A 311 19.28 -10.56 -40.48
N ARG A 312 18.59 -10.74 -41.61
CA ARG A 312 19.20 -10.39 -42.90
C ARG A 312 19.49 -8.91 -42.99
N GLU A 313 18.55 -8.06 -42.56
CA GLU A 313 18.76 -6.62 -42.55
C GLU A 313 19.42 -6.13 -41.27
N GLY A 314 19.74 -7.02 -40.34
CA GLY A 314 20.42 -6.67 -39.11
C GLY A 314 21.92 -6.62 -39.17
N ALA A 315 22.51 -6.71 -40.37
CA ALA A 315 23.96 -6.77 -40.50
C ALA A 315 24.59 -5.39 -40.43
N ASP A 316 24.24 -4.51 -41.37
CA ASP A 316 24.89 -3.20 -41.44
C ASP A 316 23.86 -2.07 -41.45
N VAL A 317 22.72 -2.30 -42.11
CA VAL A 317 21.68 -1.28 -42.14
C VAL A 317 21.16 -1.01 -40.74
N ALA A 318 20.92 -2.08 -39.97
CA ALA A 318 20.46 -1.92 -38.60
C ALA A 318 21.50 -1.20 -37.75
N LYS A 319 22.78 -1.54 -37.95
CA LYS A 319 23.83 -0.87 -37.20
C LYS A 319 23.86 0.63 -37.50
N LYS A 320 23.79 1.00 -38.77
CA LYS A 320 23.80 2.41 -39.13
C LYS A 320 22.58 3.14 -38.58
N VAL A 321 21.40 2.52 -38.69
CA VAL A 321 20.18 3.16 -38.19
C VAL A 321 20.25 3.34 -36.68
N ILE A 322 20.74 2.33 -35.97
CA ILE A 322 20.83 2.40 -34.52
C ILE A 322 21.83 3.46 -34.09
N ASP A 323 22.99 3.51 -34.77
CA ASP A 323 23.97 4.54 -34.44
C ASP A 323 23.42 5.94 -34.67
N GLN A 324 22.71 6.13 -35.79
CA GLN A 324 22.12 7.43 -36.06
C GLN A 324 21.07 7.79 -35.01
N ARG A 325 20.24 6.81 -34.62
CA ARG A 325 19.23 7.05 -33.59
C ARG A 325 19.88 7.41 -32.26
N TYR A 326 20.97 6.73 -31.90
CA TYR A 326 21.68 7.04 -30.67
C TYR A 326 22.24 8.46 -30.72
N LYS A 327 22.83 8.84 -31.86
CA LYS A 327 23.34 10.20 -31.98
C LYS A 327 22.23 11.23 -32.03
N ASP A 328 21.01 10.83 -32.38
CA ASP A 328 19.88 11.75 -32.33
C ASP A 328 19.65 12.23 -30.90
N LEU A 329 19.74 11.34 -29.93
CA LEU A 329 19.78 11.75 -28.53
C LEU A 329 20.98 12.66 -28.31
N GLY A 330 20.75 13.76 -27.61
CA GLY A 330 21.82 14.70 -27.33
C GLY A 330 22.79 14.13 -26.32
N PRO A 331 23.78 14.94 -25.92
CA PRO A 331 24.69 14.50 -24.86
C PRO A 331 23.92 14.19 -23.58
N MET A 332 24.35 13.15 -22.88
CA MET A 332 23.68 12.69 -21.66
C MET A 332 23.50 13.85 -20.67
N SER A 333 22.26 14.23 -20.43
CA SER A 333 21.92 15.49 -19.78
C SER A 333 21.94 15.36 -18.26
N ILE A 334 21.86 16.51 -17.59
CA ILE A 334 21.98 16.56 -16.14
C ILE A 334 20.87 15.78 -15.47
N HIS A 335 19.67 15.80 -16.06
CA HIS A 335 18.58 14.97 -15.54
C HIS A 335 18.99 13.51 -15.51
N GLU A 336 19.46 12.99 -16.64
CA GLU A 336 19.93 11.61 -16.70
C GLU A 336 21.18 11.41 -15.88
N ILE A 337 22.05 12.43 -15.79
CA ILE A 337 23.22 12.34 -14.92
C ILE A 337 22.80 12.03 -13.50
N GLN A 338 21.86 12.82 -12.97
CA GLN A 338 21.45 12.65 -11.57
C GLN A 338 20.70 11.36 -11.38
N VAL A 339 19.85 10.97 -12.33
CA VAL A 339 19.15 9.70 -12.20
C VAL A 339 20.14 8.55 -12.16
N MET A 340 21.14 8.58 -13.05
CA MET A 340 22.16 7.54 -13.07
C MET A 340 22.96 7.51 -11.77
N ILE A 341 23.34 8.68 -11.25
CA ILE A 341 24.11 8.72 -10.02
C ILE A 341 23.31 8.14 -8.87
N LEU A 342 22.05 8.54 -8.75
CA LEU A 342 21.20 8.02 -7.67
C LEU A 342 20.99 6.52 -7.83
N PHE A 343 20.79 6.04 -9.05
CA PHE A 343 20.58 4.62 -9.27
C PHE A 343 21.82 3.81 -8.94
N ILE A 344 22.99 4.27 -9.37
CA ILE A 344 24.23 3.57 -9.05
C ILE A 344 24.47 3.57 -7.55
N PHE A 345 24.17 4.70 -6.89
CA PHE A 345 24.29 4.74 -5.43
C PHE A 345 23.36 3.74 -4.78
N MET A 346 22.13 3.62 -5.27
CA MET A 346 21.19 2.66 -4.72
C MET A 346 21.69 1.24 -4.90
N VAL A 347 22.22 0.93 -6.08
CA VAL A 347 22.73 -0.43 -6.33
C VAL A 347 23.91 -0.73 -5.42
N VAL A 348 24.82 0.23 -5.26
CA VAL A 348 25.98 0.04 -4.39
C VAL A 348 25.54 -0.17 -2.96
N MET A 349 24.57 0.62 -2.50
CA MET A 349 24.05 0.43 -1.14
C MET A 349 23.40 -0.94 -0.99
N TYR A 350 22.72 -1.41 -2.04
CA TYR A 350 22.17 -2.76 -2.02
C TYR A 350 23.27 -3.78 -1.82
N PHE A 351 24.34 -3.68 -2.61
CA PHE A 351 25.40 -4.69 -2.55
C PHE A 351 26.23 -4.57 -1.27
N THR A 352 26.56 -3.34 -0.87
CA THR A 352 27.45 -3.12 0.26
C THR A 352 26.75 -3.17 1.61
N ARG A 353 25.54 -3.73 1.67
CA ARG A 353 24.80 -3.84 2.92
C ARG A 353 24.97 -5.26 3.46
N LYS A 354 25.79 -5.39 4.49
CA LYS A 354 26.05 -6.67 5.14
C LYS A 354 26.41 -7.79 4.16
N PRO A 355 27.54 -7.68 3.46
CA PRO A 355 28.05 -8.83 2.70
C PRO A 355 29.05 -9.63 3.51
N GLY A 356 29.11 -10.93 3.20
CA GLY A 356 30.04 -11.81 3.90
C GLY A 356 31.49 -11.47 3.61
N ILE A 357 31.78 -10.98 2.41
CA ILE A 357 33.17 -10.79 1.99
C ILE A 357 33.85 -9.70 2.83
N PHE A 358 33.18 -8.58 3.06
CA PHE A 358 33.78 -7.48 3.80
C PHE A 358 32.72 -6.79 4.63
N LEU A 359 33.18 -5.94 5.55
CA LEU A 359 32.29 -5.27 6.48
C LEU A 359 31.42 -4.26 5.74
N GLY A 360 30.10 -4.36 5.92
CA GLY A 360 29.16 -3.53 5.22
C GLY A 360 28.70 -2.33 6.03
N TRP A 361 28.05 -1.39 5.35
CA TRP A 361 27.58 -0.19 6.02
C TRP A 361 26.48 -0.49 7.03
N ALA A 362 25.78 -1.62 6.90
CA ALA A 362 24.77 -1.99 7.88
C ALA A 362 25.37 -2.50 9.17
N ASP A 363 26.63 -2.96 9.14
CA ASP A 363 27.29 -3.40 10.37
C ASP A 363 27.49 -2.23 11.32
N LEU A 364 27.96 -1.10 10.81
CA LEU A 364 27.86 0.15 11.54
C LEU A 364 26.45 0.71 11.40
N LEU A 365 26.16 1.76 12.18
CA LEU A 365 24.78 2.24 12.34
C LEU A 365 23.88 1.09 12.81
N ASN A 366 24.39 0.31 13.76
CA ASN A 366 23.77 -0.94 14.18
C ASN A 366 22.77 -0.76 15.32
N SER A 367 22.35 0.47 15.62
CA SER A 367 21.33 0.67 16.65
C SER A 367 20.04 -0.05 16.28
N LYS A 368 19.63 0.05 15.02
CA LYS A 368 18.54 -0.74 14.47
C LYS A 368 18.96 -1.29 13.11
N ASP A 369 18.44 -2.47 12.77
CA ASP A 369 18.79 -3.08 11.49
C ASP A 369 18.12 -2.30 10.37
N ILE A 370 18.94 -1.69 9.51
CA ILE A 370 18.40 -0.86 8.44
C ILE A 370 17.66 -1.72 7.42
N ARG A 371 18.26 -2.85 7.05
CA ARG A 371 17.64 -3.86 6.20
C ARG A 371 17.06 -3.26 4.91
N ASN A 372 17.89 -2.47 4.24
CA ASN A 372 17.80 -2.28 2.79
C ASN A 372 16.62 -1.43 2.32
N SER A 373 15.72 -1.04 3.21
CA SER A 373 14.61 -0.19 2.78
C SER A 373 15.01 1.28 2.70
N MET A 374 16.01 1.68 3.50
CA MET A 374 16.44 3.07 3.47
C MET A 374 16.95 3.52 2.12
N PRO A 375 17.84 2.80 1.42
CA PRO A 375 18.37 3.33 0.16
C PRO A 375 17.30 3.58 -0.89
N THR A 376 16.31 2.70 -1.02
CA THR A 376 15.35 2.82 -2.10
C THR A 376 14.41 3.99 -1.89
N ILE A 377 13.82 4.10 -0.70
CA ILE A 377 12.97 5.23 -0.39
C ILE A 377 13.76 6.52 -0.38
N PHE A 378 15.03 6.46 0.04
CA PHE A 378 15.89 7.63 -0.01
C PHE A 378 16.09 8.09 -1.45
N VAL A 379 16.29 7.14 -2.37
CA VAL A 379 16.45 7.51 -3.77
C VAL A 379 15.17 8.12 -4.32
N VAL A 380 14.02 7.57 -3.96
CA VAL A 380 12.75 8.14 -4.41
C VAL A 380 12.61 9.57 -3.90
N VAL A 381 12.87 9.78 -2.60
CA VAL A 381 12.74 11.10 -2.02
C VAL A 381 13.69 12.08 -2.71
N MET A 382 14.95 11.69 -2.89
CA MET A 382 15.92 12.56 -3.54
C MET A 382 15.52 12.88 -4.97
N CYS A 383 14.94 11.90 -5.68
CA CYS A 383 14.41 12.17 -7.00
C CYS A 383 13.32 13.23 -6.94
N PHE A 384 12.54 13.26 -5.85
CA PHE A 384 11.54 14.31 -5.72
C PHE A 384 12.13 15.65 -5.27
N MET A 385 13.27 15.64 -4.57
CA MET A 385 13.88 16.88 -4.10
C MET A 385 14.82 17.50 -5.13
N LEU A 386 15.73 16.70 -5.68
CA LEU A 386 16.75 17.23 -6.56
C LEU A 386 16.11 17.82 -7.81
N PRO A 387 16.55 19.00 -8.26
CA PRO A 387 15.97 19.60 -9.46
C PRO A 387 16.44 18.89 -10.72
N ALA A 388 16.05 19.40 -11.89
CA ALA A 388 16.45 18.80 -13.16
C ALA A 388 17.33 19.73 -13.98
N ASN A 389 16.92 20.97 -14.20
CA ASN A 389 17.68 21.86 -15.08
C ASN A 389 18.96 22.36 -14.42
N TYR A 390 18.87 22.74 -13.14
CA TYR A 390 19.92 23.47 -12.43
C TYR A 390 20.30 24.76 -13.14
N ALA A 391 19.43 25.25 -14.03
CA ALA A 391 19.65 26.54 -14.69
C ALA A 391 19.32 27.71 -13.78
N PHE A 392 18.61 27.46 -12.67
CA PHE A 392 18.25 28.54 -11.76
C PHE A 392 19.47 29.18 -11.13
N LEU A 393 20.58 28.43 -11.02
CA LEU A 393 21.81 28.96 -10.46
C LEU A 393 22.39 30.08 -11.30
N ARG A 394 21.84 30.35 -12.49
CA ARG A 394 22.32 31.45 -13.31
C ARG A 394 22.16 32.80 -12.62
N TYR A 395 21.22 32.92 -11.68
CA TYR A 395 21.06 34.17 -10.95
C TYR A 395 22.29 34.47 -10.09
N CYS A 396 22.71 33.50 -9.28
CA CYS A 396 23.87 33.71 -8.42
C CYS A 396 25.15 33.84 -9.23
N THR A 397 25.31 33.01 -10.26
CA THR A 397 26.52 33.07 -11.08
C THR A 397 26.51 34.27 -12.01
N ARG A 398 25.32 34.76 -12.36
CA ARG A 398 25.16 35.90 -13.29
C ARG A 398 25.80 35.61 -14.64
N ARG A 399 25.82 34.35 -15.05
CA ARG A 399 26.42 33.98 -16.33
C ARG A 399 25.58 34.49 -17.50
N GLY A 400 24.27 34.27 -17.45
CA GLY A 400 23.37 34.70 -18.49
C GLY A 400 22.66 33.53 -19.14
N GLY A 401 21.60 33.88 -19.88
CA GLY A 401 20.77 32.91 -20.54
C GLY A 401 19.33 32.97 -20.08
N PRO A 402 18.47 32.16 -20.70
CA PRO A 402 17.05 32.16 -20.32
C PRO A 402 16.86 31.68 -18.88
N VAL A 403 15.85 32.24 -18.23
CA VAL A 403 15.57 31.93 -16.83
C VAL A 403 14.34 31.03 -16.77
N PRO A 404 14.19 30.21 -15.73
CA PRO A 404 13.06 29.26 -15.70
C PRO A 404 11.69 29.91 -15.76
N THR A 405 11.53 31.12 -15.19
CA THR A 405 10.23 31.78 -15.08
C THR A 405 9.20 30.91 -14.37
N GLY A 406 9.66 30.10 -13.42
CA GLY A 406 8.80 29.20 -12.70
C GLY A 406 9.59 28.13 -11.97
N PRO A 407 8.91 27.31 -11.17
CA PRO A 407 9.61 26.24 -10.47
C PRO A 407 10.23 25.25 -11.44
N THR A 408 11.43 24.81 -11.13
CA THR A 408 12.10 23.79 -11.94
C THR A 408 11.61 22.42 -11.51
N PRO A 409 11.07 21.61 -12.43
CA PRO A 409 10.52 20.31 -12.02
C PRO A 409 11.60 19.37 -11.50
N SER A 410 11.18 18.48 -10.60
CA SER A 410 12.08 17.47 -10.06
C SER A 410 12.32 16.38 -11.09
N LEU A 411 13.07 15.36 -10.67
CA LEU A 411 13.40 14.26 -11.58
C LEU A 411 12.17 13.46 -11.98
N ILE A 412 11.09 13.49 -11.20
CA ILE A 412 9.89 12.70 -11.45
C ILE A 412 8.70 13.46 -10.89
N THR A 413 7.50 13.02 -11.27
CA THR A 413 6.25 13.60 -10.79
C THR A 413 5.37 12.51 -10.21
N TRP A 414 4.57 12.88 -9.21
CA TRP A 414 3.73 11.88 -8.55
C TRP A 414 2.63 11.36 -9.47
N LYS A 415 2.16 12.18 -10.40
CA LYS A 415 1.14 11.72 -11.34
C LYS A 415 1.67 10.59 -12.20
N PHE A 416 2.92 10.68 -12.63
CA PHE A 416 3.53 9.59 -13.38
C PHE A 416 3.67 8.34 -12.54
N ILE A 417 4.03 8.51 -11.26
CA ILE A 417 4.20 7.36 -10.39
C ILE A 417 2.87 6.64 -10.18
N GLN A 418 1.80 7.40 -9.92
CA GLN A 418 0.51 6.77 -9.70
C GLN A 418 0.01 6.06 -10.95
N THR A 419 0.22 6.67 -12.12
CA THR A 419 -0.31 6.12 -13.36
C THR A 419 0.38 4.81 -13.73
N LYS A 420 1.71 4.74 -13.57
CA LYS A 420 2.47 3.61 -14.11
C LYS A 420 2.75 2.51 -13.11
N VAL A 421 2.85 2.83 -11.82
CA VAL A 421 3.06 1.77 -10.83
C VAL A 421 1.85 0.87 -10.78
N PRO A 422 1.98 -0.44 -10.93
CA PRO A 422 0.84 -1.32 -10.70
C PRO A 422 0.61 -1.48 -9.20
N TRP A 423 -0.42 -0.81 -8.69
CA TRP A 423 -0.61 -0.76 -7.25
C TRP A 423 -1.25 -2.03 -6.70
N GLY A 424 -1.83 -2.86 -7.55
CA GLY A 424 -2.28 -4.17 -7.11
C GLY A 424 -1.14 -5.07 -6.72
N LEU A 425 0.08 -4.77 -7.16
CA LEU A 425 1.23 -5.55 -6.75
C LEU A 425 1.42 -5.50 -5.24
N VAL A 426 1.00 -4.41 -4.60
CA VAL A 426 1.06 -4.34 -3.14
C VAL A 426 0.26 -5.50 -2.54
N PHE A 427 -0.99 -5.65 -2.96
CA PHE A 427 -1.81 -6.73 -2.43
C PHE A 427 -1.28 -8.09 -2.85
N LEU A 428 -0.85 -8.22 -4.12
CA LEU A 428 -0.40 -9.52 -4.60
C LEU A 428 0.83 -10.01 -3.84
N LEU A 429 1.81 -9.12 -3.62
CA LEU A 429 3.03 -9.54 -2.93
C LEU A 429 2.83 -9.64 -1.42
N GLY A 430 2.01 -8.76 -0.84
CA GLY A 430 1.71 -8.90 0.58
C GLY A 430 0.89 -10.13 0.89
N GLY A 431 0.13 -10.62 -0.10
CA GLY A 431 -0.60 -11.85 0.11
C GLY A 431 0.31 -13.02 0.37
N GLY A 432 1.44 -13.09 -0.32
CA GLY A 432 2.39 -14.16 -0.07
C GLY A 432 2.93 -14.14 1.35
N PHE A 433 3.34 -12.96 1.82
CA PHE A 433 3.87 -12.84 3.17
C PHE A 433 2.80 -13.16 4.21
N ALA A 434 1.60 -12.62 4.02
CA ALA A 434 0.53 -12.87 4.97
C ALA A 434 0.16 -14.35 5.00
N LEU A 435 0.09 -14.98 3.82
CA LEU A 435 -0.25 -16.40 3.75
C LEU A 435 0.83 -17.25 4.40
N ALA A 436 2.10 -16.90 4.19
CA ALA A 436 3.18 -17.65 4.82
C ALA A 436 3.13 -17.53 6.34
N GLU A 437 2.95 -16.30 6.84
CA GLU A 437 2.90 -16.11 8.29
C GLU A 437 1.69 -16.81 8.89
N GLY A 438 0.53 -16.72 8.23
CA GLY A 438 -0.63 -17.41 8.73
C GLY A 438 -0.48 -18.92 8.69
N SER A 439 0.20 -19.43 7.67
CA SER A 439 0.44 -20.87 7.60
C SER A 439 1.35 -21.33 8.72
N LYS A 440 2.38 -20.55 9.03
CA LYS A 440 3.29 -20.97 10.09
C LYS A 440 2.69 -20.77 11.48
N GLN A 441 1.83 -19.77 11.66
CA GLN A 441 1.21 -19.56 12.96
C GLN A 441 0.07 -20.55 13.20
N SER A 442 -0.71 -20.85 12.16
CA SER A 442 -1.81 -21.79 12.29
C SER A 442 -1.34 -23.23 12.38
N GLY A 443 -0.13 -23.53 11.91
CA GLY A 443 0.40 -24.87 11.96
C GLY A 443 0.42 -25.63 10.65
N MET A 444 0.06 -24.99 9.53
CA MET A 444 0.14 -25.67 8.25
C MET A 444 1.58 -26.04 7.91
N ALA A 445 2.52 -25.14 8.21
CA ALA A 445 3.92 -25.41 7.89
C ALA A 445 4.43 -26.64 8.62
N LYS A 446 4.12 -26.75 9.92
CA LYS A 446 4.53 -27.92 10.67
C LYS A 446 3.82 -29.18 10.15
N LEU A 447 2.57 -29.05 9.73
CA LEU A 447 1.86 -30.19 9.16
C LEU A 447 2.54 -30.69 7.90
N ILE A 448 2.93 -29.77 7.01
CA ILE A 448 3.63 -30.16 5.78
C ILE A 448 4.97 -30.79 6.13
N GLY A 449 5.70 -30.20 7.08
CA GLY A 449 6.97 -30.77 7.47
C GLY A 449 6.84 -32.19 8.00
N ASN A 450 5.83 -32.42 8.85
CA ASN A 450 5.58 -33.78 9.35
C ASN A 450 5.15 -34.71 8.23
N ALA A 451 4.44 -34.19 7.24
CA ALA A 451 4.03 -35.01 6.10
C ALA A 451 5.24 -35.46 5.29
N LEU A 452 6.23 -34.59 5.10
CA LEU A 452 7.39 -34.93 4.29
C LEU A 452 8.30 -35.97 4.94
N ILE A 453 8.08 -36.30 6.21
CA ILE A 453 8.95 -37.25 6.90
C ILE A 453 8.86 -38.63 6.25
N GLY A 454 7.66 -39.02 5.81
CA GLY A 454 7.42 -40.35 5.31
C GLY A 454 8.18 -40.74 4.04
N LEU A 455 8.96 -39.81 3.49
CA LEU A 455 9.71 -40.07 2.27
C LEU A 455 11.01 -40.83 2.52
N LYS A 456 11.33 -41.15 3.77
CA LYS A 456 12.60 -41.79 4.10
C LYS A 456 12.72 -43.21 3.57
N VAL A 457 11.62 -43.80 3.09
CA VAL A 457 11.67 -45.16 2.57
C VAL A 457 12.28 -45.27 1.18
N LEU A 458 12.48 -44.14 0.51
CA LEU A 458 13.00 -44.14 -0.85
C LEU A 458 14.51 -44.35 -0.88
N PRO A 459 15.03 -44.85 -2.00
CA PRO A 459 16.49 -44.90 -2.18
C PRO A 459 17.07 -43.49 -2.31
N ASN A 460 18.40 -43.41 -2.21
CA ASN A 460 19.06 -42.13 -2.10
C ASN A 460 18.81 -41.24 -3.31
N SER A 461 19.05 -41.77 -4.51
CA SER A 461 18.79 -40.99 -5.73
C SER A 461 17.32 -40.67 -5.87
N VAL A 462 16.45 -41.64 -5.64
CA VAL A 462 15.01 -41.40 -5.68
C VAL A 462 14.62 -40.37 -4.62
N LEU A 463 15.24 -40.45 -3.44
CA LEU A 463 14.96 -39.47 -2.39
C LEU A 463 15.32 -38.07 -2.85
N LEU A 464 16.50 -37.91 -3.46
CA LEU A 464 16.92 -36.60 -3.92
C LEU A 464 15.96 -36.07 -4.98
N LEU A 465 15.58 -36.92 -5.94
CA LEU A 465 14.67 -36.48 -6.99
C LEU A 465 13.31 -36.07 -6.42
N VAL A 466 12.78 -36.87 -5.51
CA VAL A 466 11.47 -36.57 -4.93
C VAL A 466 11.54 -35.30 -4.08
N VAL A 467 12.66 -35.10 -3.38
CA VAL A 467 12.82 -33.89 -2.56
C VAL A 467 12.86 -32.66 -3.45
N ILE A 468 13.60 -32.72 -4.56
CA ILE A 468 13.63 -31.59 -5.48
C ILE A 468 12.25 -31.32 -6.05
N LEU A 469 11.53 -32.38 -6.44
CA LEU A 469 10.19 -32.21 -7.00
C LEU A 469 9.25 -31.56 -5.98
N VAL A 470 9.30 -32.03 -4.73
CA VAL A 470 8.45 -31.48 -3.69
C VAL A 470 8.79 -30.02 -3.43
N ALA A 471 10.08 -29.69 -3.42
CA ALA A 471 10.49 -28.31 -3.20
C ALA A 471 9.96 -27.41 -4.30
N VAL A 472 10.06 -27.84 -5.55
CA VAL A 472 9.56 -27.03 -6.66
C VAL A 472 8.05 -26.85 -6.55
N PHE A 473 7.34 -27.95 -6.28
CA PHE A 473 5.89 -27.88 -6.21
C PHE A 473 5.43 -26.97 -5.07
N LEU A 474 6.11 -27.05 -3.92
CA LEU A 474 5.74 -26.20 -2.79
C LEU A 474 6.06 -24.74 -3.07
N THR A 475 7.25 -24.46 -3.61
CA THR A 475 7.60 -23.07 -3.89
C THR A 475 6.79 -22.48 -5.03
N ALA A 476 6.07 -23.31 -5.79
CA ALA A 476 5.19 -22.76 -6.82
C ALA A 476 4.03 -21.96 -6.24
N PHE A 477 3.67 -22.19 -4.98
CA PHE A 477 2.51 -21.55 -4.38
C PHE A 477 2.82 -20.67 -3.18
N SER A 478 4.09 -20.39 -2.89
CA SER A 478 4.43 -19.64 -1.69
C SER A 478 5.77 -18.96 -1.87
N SER A 479 6.09 -18.08 -0.93
CA SER A 479 7.36 -17.39 -0.94
C SER A 479 8.51 -18.39 -0.74
N ASN A 480 9.64 -18.11 -1.40
CA ASN A 480 10.76 -19.03 -1.35
C ASN A 480 11.32 -19.16 0.06
N VAL A 481 11.44 -18.05 0.78
CA VAL A 481 11.96 -18.09 2.14
C VAL A 481 11.07 -18.92 3.04
N ALA A 482 9.76 -18.76 2.90
CA ALA A 482 8.82 -19.55 3.71
C ALA A 482 8.97 -21.04 3.42
N ILE A 483 9.07 -21.41 2.15
CA ILE A 483 9.20 -22.82 1.80
C ILE A 483 10.50 -23.38 2.34
N ALA A 484 11.59 -22.60 2.25
CA ALA A 484 12.86 -23.05 2.80
C ALA A 484 12.76 -23.26 4.31
N ASN A 485 12.15 -22.29 5.01
CA ASN A 485 11.97 -22.45 6.45
C ASN A 485 11.13 -23.67 6.78
N ILE A 486 10.16 -24.00 5.92
CA ILE A 486 9.32 -25.16 6.17
C ILE A 486 10.11 -26.45 6.00
N ILE A 487 10.89 -26.55 4.93
CA ILE A 487 11.40 -27.83 4.47
C ILE A 487 12.80 -28.13 5.01
N ILE A 488 13.66 -27.12 5.14
CA ILE A 488 15.07 -27.38 5.41
C ILE A 488 15.31 -28.06 6.76
N PRO A 489 14.77 -27.58 7.88
CA PRO A 489 15.01 -28.31 9.14
C PRO A 489 14.51 -29.73 9.13
N VAL A 490 13.36 -29.98 8.50
CA VAL A 490 12.85 -31.33 8.36
C VAL A 490 13.83 -32.17 7.56
N LEU A 491 14.39 -31.58 6.49
CA LEU A 491 15.37 -32.30 5.68
C LEU A 491 16.62 -32.62 6.49
N ALA A 492 17.05 -31.70 7.35
CA ALA A 492 18.24 -31.95 8.16
C ALA A 492 18.00 -33.10 9.13
N GLU A 493 16.87 -33.07 9.85
CA GLU A 493 16.58 -34.15 10.77
C GLU A 493 16.40 -35.48 10.03
N MET A 494 15.78 -35.43 8.85
CA MET A 494 15.58 -36.63 8.06
C MET A 494 16.90 -37.22 7.59
N SER A 495 17.83 -36.36 7.14
CA SER A 495 19.14 -36.84 6.72
C SER A 495 19.97 -37.31 7.90
N LEU A 496 19.68 -36.82 9.11
CA LEU A 496 20.28 -37.41 10.30
C LEU A 496 19.71 -38.79 10.58
N ALA A 497 18.41 -38.97 10.34
CA ALA A 497 17.77 -40.26 10.62
C ALA A 497 18.41 -41.36 9.79
N ILE A 498 18.49 -41.17 8.48
CA ILE A 498 19.24 -42.08 7.61
C ILE A 498 20.71 -41.71 7.71
N GLU A 499 21.58 -42.55 7.16
CA GLU A 499 23.02 -42.26 7.15
C GLU A 499 23.36 -41.58 5.83
N ILE A 500 23.01 -40.30 5.75
CA ILE A 500 23.21 -39.49 4.56
C ILE A 500 23.78 -38.13 4.98
N HIS A 501 24.80 -37.66 4.26
CA HIS A 501 25.40 -36.37 4.56
C HIS A 501 24.33 -35.28 4.48
N PRO A 502 24.19 -34.43 5.50
CA PRO A 502 23.12 -33.43 5.49
C PRO A 502 23.17 -32.48 4.31
N LEU A 503 24.37 -32.12 3.85
CA LEU A 503 24.48 -31.24 2.69
C LEU A 503 23.84 -31.88 1.46
N TYR A 504 24.04 -33.19 1.30
CA TYR A 504 23.59 -33.89 0.10
C TYR A 504 22.10 -33.71 -0.16
N LEU A 505 21.31 -33.48 0.89
CA LEU A 505 19.90 -33.18 0.73
C LEU A 505 19.58 -31.71 0.91
N ILE A 506 20.22 -31.04 1.87
CA ILE A 506 19.86 -29.65 2.17
C ILE A 506 20.22 -28.73 1.00
N LEU A 507 21.44 -28.84 0.50
CA LEU A 507 21.90 -27.91 -0.54
C LEU A 507 21.10 -28.03 -1.84
N PRO A 508 20.86 -29.23 -2.39
CA PRO A 508 20.04 -29.29 -3.62
C PRO A 508 18.63 -28.75 -3.42
N ALA A 509 17.96 -29.14 -2.35
CA ALA A 509 16.63 -28.62 -2.08
C ALA A 509 16.65 -27.12 -1.81
N GLY A 510 17.66 -26.66 -1.08
CA GLY A 510 17.80 -25.23 -0.86
C GLY A 510 17.91 -24.46 -2.16
N LEU A 511 18.71 -24.96 -3.10
CA LEU A 511 18.76 -24.33 -4.41
C LEU A 511 17.42 -24.43 -5.14
N ALA A 512 16.74 -25.56 -5.01
CA ALA A 512 15.50 -25.78 -5.73
C ALA A 512 14.38 -24.89 -5.22
N CYS A 513 14.44 -24.45 -3.97
CA CYS A 513 13.38 -23.62 -3.41
C CYS A 513 13.20 -22.32 -4.18
N SER A 514 14.20 -21.87 -4.90
CA SER A 514 14.11 -20.65 -5.70
C SER A 514 13.73 -20.95 -7.15
N MET A 515 13.47 -22.20 -7.49
CA MET A 515 13.13 -22.58 -8.88
C MET A 515 11.62 -22.54 -9.04
N ALA A 516 11.10 -21.33 -9.16
CA ALA A 516 9.67 -21.09 -9.34
C ALA A 516 9.45 -20.32 -10.64
N PHE A 517 8.71 -20.92 -11.58
CA PHE A 517 8.53 -20.32 -12.89
C PHE A 517 7.12 -20.43 -13.44
N HIS A 518 6.16 -20.96 -12.68
CA HIS A 518 4.85 -21.28 -13.24
C HIS A 518 3.80 -20.21 -13.00
N LEU A 519 3.77 -19.59 -11.83
CA LEU A 519 2.69 -18.66 -11.53
C LEU A 519 3.25 -17.31 -11.12
N PRO A 520 2.49 -16.22 -11.35
CA PRO A 520 2.95 -14.91 -10.90
C PRO A 520 3.09 -14.78 -9.39
N VAL A 521 2.41 -15.63 -8.61
CA VAL A 521 2.52 -15.58 -7.17
C VAL A 521 3.64 -16.47 -6.62
N SER A 522 4.28 -17.25 -7.49
CA SER A 522 5.34 -18.14 -7.03
C SER A 522 6.55 -17.37 -6.50
N THR A 523 6.91 -16.27 -7.16
CA THR A 523 8.09 -15.51 -6.79
C THR A 523 7.90 -14.07 -7.23
N PRO A 524 8.47 -13.09 -6.53
CA PRO A 524 8.24 -11.68 -6.85
C PRO A 524 8.60 -11.31 -8.28
N PRO A 525 9.70 -11.84 -8.87
CA PRO A 525 9.99 -11.46 -10.25
C PRO A 525 8.88 -11.79 -11.23
N ASN A 526 8.22 -12.95 -11.06
CA ASN A 526 7.10 -13.28 -11.94
C ASN A 526 5.97 -12.27 -11.79
N ALA A 527 5.67 -11.86 -10.56
CA ALA A 527 4.63 -10.88 -10.33
C ALA A 527 4.96 -9.54 -10.99
N LEU A 528 6.21 -9.10 -10.83
CA LEU A 528 6.62 -7.84 -11.45
C LEU A 528 6.55 -7.91 -12.96
N VAL A 529 6.96 -9.05 -13.54
CA VAL A 529 6.89 -9.18 -15.00
C VAL A 529 5.45 -9.19 -15.47
N ALA A 530 4.57 -9.88 -14.76
CA ALA A 530 3.16 -9.89 -15.13
C ALA A 530 2.55 -8.50 -15.03
N GLY A 531 2.92 -7.74 -13.99
CA GLY A 531 2.40 -6.39 -13.86
C GLY A 531 2.91 -5.45 -14.93
N TYR A 532 4.21 -5.50 -15.22
CA TYR A 532 4.80 -4.57 -16.17
C TYR A 532 4.29 -4.80 -17.58
N ALA A 533 4.33 -6.05 -18.04
CA ALA A 533 3.74 -6.45 -19.31
C ALA A 533 2.65 -7.46 -19.01
N ASN A 534 1.44 -7.18 -19.47
CA ASN A 534 0.28 -7.95 -19.05
C ASN A 534 0.39 -9.36 -19.60
N ILE A 535 0.89 -10.28 -18.79
CA ILE A 535 1.09 -11.68 -19.17
C ILE A 535 0.05 -12.51 -18.44
N ARG A 536 -0.82 -13.17 -19.19
CA ARG A 536 -1.82 -14.02 -18.59
C ARG A 536 -1.17 -15.24 -17.95
N THR A 537 -1.77 -15.72 -16.86
CA THR A 537 -1.17 -16.80 -16.09
C THR A 537 -1.01 -18.06 -16.92
N LYS A 538 -1.89 -18.29 -17.90
CA LYS A 538 -1.81 -19.50 -18.71
C LYS A 538 -0.51 -19.54 -19.51
N ASP A 539 -0.13 -18.42 -20.13
CA ASP A 539 1.08 -18.40 -20.93
C ASP A 539 2.32 -18.64 -20.08
N MET A 540 2.40 -17.99 -18.91
CA MET A 540 3.55 -18.20 -18.04
C MET A 540 3.59 -19.64 -17.52
N ALA A 541 2.43 -20.21 -17.19
CA ALA A 541 2.38 -21.59 -16.74
C ALA A 541 2.85 -22.54 -17.83
N ILE A 542 2.47 -22.28 -19.08
CA ILE A 542 2.90 -23.13 -20.19
C ILE A 542 4.39 -22.98 -20.43
N ALA A 543 4.92 -21.76 -20.28
CA ALA A 543 6.34 -21.56 -20.45
C ALA A 543 7.15 -22.14 -19.29
N GLY A 544 6.55 -22.34 -18.13
CA GLY A 544 7.29 -22.78 -16.97
C GLY A 544 7.69 -24.23 -16.94
N ILE A 545 7.17 -25.08 -17.83
CA ILE A 545 7.59 -26.48 -17.86
C ILE A 545 9.06 -26.58 -18.24
N GLY A 546 9.50 -25.82 -19.23
CA GLY A 546 10.87 -25.87 -19.70
C GLY A 546 11.89 -25.64 -18.60
N PRO A 547 11.87 -24.45 -18.00
CA PRO A 547 12.80 -24.19 -16.89
C PRO A 547 12.65 -25.16 -15.74
N THR A 548 11.44 -25.61 -15.42
CA THR A 548 11.25 -26.54 -14.32
C THR A 548 12.00 -27.84 -14.55
N ILE A 549 11.75 -28.48 -15.70
CA ILE A 549 12.41 -29.74 -16.01
C ILE A 549 13.91 -29.54 -16.17
N ILE A 550 14.31 -28.47 -16.86
CA ILE A 550 15.74 -28.21 -17.07
C ILE A 550 16.46 -28.07 -15.74
N THR A 551 15.92 -27.25 -14.84
CA THR A 551 16.57 -27.03 -13.55
C THR A 551 16.54 -28.27 -12.69
N ILE A 552 15.45 -29.03 -12.72
CA ILE A 552 15.38 -30.25 -11.91
C ILE A 552 16.47 -31.24 -12.35
N ILE A 553 16.55 -31.50 -13.66
CA ILE A 553 17.53 -32.45 -14.15
C ILE A 553 18.94 -31.93 -13.95
N THR A 554 19.14 -30.63 -14.17
CA THR A 554 20.46 -30.03 -13.99
C THR A 554 20.92 -30.12 -12.55
N LEU A 555 20.04 -29.79 -11.60
CA LEU A 555 20.38 -29.93 -10.19
C LEU A 555 20.70 -31.37 -9.84
N PHE A 556 19.88 -32.31 -10.31
CA PHE A 556 20.16 -33.72 -10.07
C PHE A 556 21.56 -34.10 -10.54
N VAL A 557 21.86 -33.82 -11.81
CA VAL A 557 23.11 -34.27 -12.40
C VAL A 557 24.31 -33.60 -11.74
N PHE A 558 24.29 -32.27 -11.65
CA PHE A 558 25.45 -31.58 -11.10
C PHE A 558 25.60 -31.75 -9.61
N CYS A 559 24.52 -31.92 -8.85
CA CYS A 559 24.69 -32.38 -7.48
C CYS A 559 25.47 -33.69 -7.48
N GLN A 560 24.85 -34.75 -8.03
CA GLN A 560 25.43 -36.09 -7.89
C GLN A 560 26.87 -36.16 -8.41
N THR A 561 27.22 -35.35 -9.41
CA THR A 561 28.56 -35.40 -9.97
C THR A 561 29.50 -34.35 -9.36
N TRP A 562 29.17 -33.06 -9.55
CA TRP A 562 30.08 -31.98 -9.21
C TRP A 562 30.17 -31.75 -7.70
N GLY A 563 29.12 -32.09 -6.94
CA GLY A 563 29.19 -31.88 -5.51
C GLY A 563 30.29 -32.69 -4.86
N LEU A 564 30.58 -33.87 -5.41
CA LEU A 564 31.71 -34.65 -4.91
C LEU A 564 33.01 -33.91 -5.10
N VAL A 565 33.18 -33.26 -6.25
CA VAL A 565 34.39 -32.48 -6.51
C VAL A 565 34.48 -31.30 -5.54
N VAL A 566 33.39 -30.54 -5.44
CA VAL A 566 33.41 -29.37 -4.56
C VAL A 566 33.43 -29.79 -3.10
N TYR A 567 32.58 -30.75 -2.74
CA TYR A 567 32.48 -31.27 -1.38
C TYR A 567 32.81 -32.76 -1.40
N PRO A 568 34.07 -33.12 -1.21
CA PRO A 568 34.40 -34.55 -1.05
C PRO A 568 33.76 -35.10 0.21
N ASN A 569 33.59 -36.42 0.21
CA ASN A 569 32.92 -37.17 1.27
C ASN A 569 31.43 -36.87 1.34
N LEU A 570 30.86 -36.22 0.32
CA LEU A 570 29.42 -35.96 0.30
C LEU A 570 28.65 -37.27 0.27
N ASN A 571 29.10 -38.25 -0.49
CA ASN A 571 28.45 -39.55 -0.52
C ASN A 571 28.56 -40.26 0.82
N SER A 572 29.72 -40.16 1.46
CA SER A 572 29.96 -40.85 2.71
C SER A 572 29.32 -40.09 3.88
N PHE A 573 29.42 -40.67 5.07
CA PHE A 573 28.84 -40.09 6.28
C PHE A 573 29.95 -39.57 7.17
N PRO A 574 30.09 -38.26 7.33
CA PRO A 574 31.20 -37.72 8.12
C PRO A 574 31.03 -37.99 9.62
N GLU A 575 32.17 -37.89 10.33
CA GLU A 575 32.17 -38.21 11.75
C GLU A 575 31.28 -37.27 12.55
N TRP A 576 31.31 -35.97 12.24
CA TRP A 576 30.47 -35.03 12.96
C TRP A 576 28.99 -35.32 12.75
N ALA A 577 28.61 -35.73 11.54
CA ALA A 577 27.25 -36.16 11.29
C ALA A 577 26.90 -37.40 12.11
N GLN A 578 27.86 -38.32 12.27
CA GLN A 578 27.62 -39.49 13.10
C GLN A 578 27.37 -39.08 14.54
N ILE A 579 28.16 -38.14 15.06
CA ILE A 579 27.98 -37.69 16.44
C ILE A 579 26.62 -37.01 16.61
N TYR A 580 26.25 -36.15 15.65
CA TYR A 580 24.97 -35.47 15.72
C TYR A 580 23.81 -36.46 15.68
N ALA A 581 23.90 -37.47 14.81
CA ALA A 581 22.85 -38.49 14.74
C ALA A 581 22.78 -39.29 16.03
N ALA A 582 23.95 -39.63 16.61
CA ALA A 582 23.97 -40.37 17.86
C ALA A 582 23.32 -39.56 18.98
N ALA A 583 23.56 -38.25 19.01
CA ALA A 583 22.95 -37.37 20.00
C ALA A 583 21.51 -37.03 19.59
N ALA A 584 20.72 -38.08 19.38
CA ALA A 584 19.33 -37.95 18.98
C ALA A 584 18.57 -39.24 19.25
N CYS B 33 17.38 38.96 -7.92
CA CYS B 33 16.04 39.53 -7.99
C CYS B 33 15.07 38.75 -7.11
N SER B 34 13.96 39.41 -6.74
CA SER B 34 12.94 38.75 -5.93
C SER B 34 12.25 37.62 -6.66
N ASN B 35 12.34 37.58 -7.99
CA ASN B 35 11.73 36.49 -8.75
C ASN B 35 12.32 35.15 -8.37
N PHE B 36 13.58 35.12 -7.96
CA PHE B 36 14.19 33.88 -7.50
C PHE B 36 13.47 33.34 -6.29
N PHE B 37 13.24 34.19 -5.28
CA PHE B 37 12.45 33.79 -4.13
C PHE B 37 11.00 33.54 -4.49
N ALA B 38 10.51 34.13 -5.57
CA ALA B 38 9.12 33.93 -5.97
C ALA B 38 8.90 32.58 -6.63
N ASN B 39 9.88 32.07 -7.37
CA ASN B 39 9.72 30.85 -8.14
C ASN B 39 10.29 29.61 -7.47
N HIS B 40 11.49 29.71 -6.90
CA HIS B 40 12.18 28.55 -6.33
C HIS B 40 12.12 28.52 -4.80
N TRP B 41 11.11 29.17 -4.20
CA TRP B 41 11.02 29.18 -2.75
C TRP B 41 10.82 27.77 -2.18
N LYS B 42 10.13 26.89 -2.93
CA LYS B 42 9.98 25.52 -2.47
C LYS B 42 11.32 24.81 -2.37
N GLY B 43 12.16 24.97 -3.39
CA GLY B 43 13.48 24.37 -3.35
C GLY B 43 14.35 24.98 -2.28
N LEU B 44 14.24 26.29 -2.06
CA LEU B 44 14.98 26.94 -0.98
C LEU B 44 14.56 26.37 0.37
N VAL B 45 13.26 26.16 0.57
CA VAL B 45 12.79 25.55 1.80
C VAL B 45 13.37 24.15 1.95
N VAL B 46 13.32 23.36 0.89
CA VAL B 46 13.84 21.99 0.95
C VAL B 46 15.32 22.00 1.32
N PHE B 47 16.10 22.91 0.73
CA PHE B 47 17.53 22.92 0.98
C PHE B 47 17.91 23.52 2.32
N LEU B 48 17.10 24.43 2.85
CA LEU B 48 17.51 25.18 4.04
C LEU B 48 16.89 24.67 5.33
N VAL B 49 15.62 24.26 5.32
CA VAL B 49 14.94 23.89 6.56
C VAL B 49 15.68 22.82 7.35
N PRO B 50 16.15 21.72 6.73
CA PRO B 50 16.96 20.77 7.52
C PRO B 50 18.19 21.40 8.15
N LEU B 51 18.91 22.25 7.41
CA LEU B 51 20.09 22.88 7.97
C LEU B 51 19.74 23.85 9.08
N LEU B 52 18.67 24.62 8.91
CA LEU B 52 18.26 25.57 9.94
C LEU B 52 17.77 24.86 11.19
N CYS B 53 17.11 23.72 11.04
CA CYS B 53 16.60 22.97 12.18
C CYS B 53 17.63 22.03 12.80
N LEU B 54 18.77 21.82 12.15
CA LEU B 54 19.83 20.98 12.67
C LEU B 54 20.27 21.34 14.10
N PRO B 55 20.29 22.61 14.50
CA PRO B 55 20.68 22.93 15.89
C PRO B 55 19.87 22.20 16.96
N VAL B 56 18.58 21.93 16.75
CA VAL B 56 17.83 21.25 17.80
C VAL B 56 18.37 19.85 18.02
N MET B 57 18.88 19.21 16.96
CA MET B 57 19.54 17.93 17.12
C MET B 57 20.94 18.08 17.69
N LEU B 58 21.68 19.11 17.28
CA LEU B 58 23.08 19.22 17.67
C LEU B 58 23.23 19.60 19.14
N LEU B 59 22.46 20.58 19.61
CA LEU B 59 22.64 21.12 20.94
C LEU B 59 22.03 20.26 22.04
N ASN B 60 21.28 19.22 21.69
CA ASN B 60 20.67 18.33 22.67
C ASN B 60 21.00 16.88 22.31
N GLU B 61 20.99 16.02 23.33
CA GLU B 61 21.60 14.70 23.21
C GLU B 61 20.60 13.59 22.93
N GLY B 62 19.47 13.55 23.64
CA GLY B 62 18.59 12.39 23.56
C GLY B 62 17.97 12.22 22.19
N ALA B 63 17.52 11.00 21.93
CA ALA B 63 16.84 10.69 20.68
C ALA B 63 15.50 11.41 20.56
N GLU B 64 14.95 11.87 21.69
CA GLU B 64 13.74 12.70 21.64
C GLU B 64 13.96 13.90 20.75
N PHE B 65 15.13 14.53 20.84
CA PHE B 65 15.40 15.72 20.06
C PHE B 65 15.68 15.40 18.60
N ARG B 66 16.26 14.23 18.30
CA ARG B 66 16.38 13.82 16.91
C ARG B 66 15.01 13.62 16.29
N CYS B 67 14.10 12.97 17.01
CA CYS B 67 12.75 12.77 16.51
C CYS B 67 12.02 14.11 16.39
N MET B 68 12.29 15.04 17.31
CA MET B 68 11.69 16.37 17.22
C MET B 68 12.20 17.12 16.00
N TYR B 69 13.49 17.00 15.69
CA TYR B 69 14.03 17.58 14.47
C TYR B 69 13.31 17.02 13.25
N LEU B 70 13.14 15.70 13.21
CA LEU B 70 12.46 15.08 12.08
C LEU B 70 11.03 15.58 11.97
N LEU B 71 10.32 15.63 13.11
CA LEU B 71 8.93 16.08 13.10
C LEU B 71 8.81 17.53 12.65
N LEU B 72 9.70 18.38 13.13
CA LEU B 72 9.66 19.79 12.75
C LEU B 72 9.91 19.97 11.26
N VAL B 73 10.91 19.26 10.73
CA VAL B 73 11.20 19.35 9.30
C VAL B 73 10.02 18.84 8.49
N MET B 74 9.44 17.72 8.89
CA MET B 74 8.31 17.15 8.16
C MET B 74 7.10 18.07 8.22
N ALA B 75 6.85 18.69 9.37
CA ALA B 75 5.72 19.62 9.49
C ALA B 75 5.94 20.84 8.61
N ILE B 76 7.16 21.39 8.59
CA ILE B 76 7.44 22.53 7.73
C ILE B 76 7.24 22.17 6.27
N PHE B 77 7.68 20.97 5.88
CA PHE B 77 7.45 20.51 4.51
C PHE B 77 5.97 20.34 4.22
N TRP B 78 5.20 19.85 5.20
CA TRP B 78 3.77 19.66 5.01
C TRP B 78 3.06 20.98 4.79
N VAL B 79 3.37 21.98 5.61
CA VAL B 79 2.64 23.25 5.57
C VAL B 79 2.89 23.96 4.24
N THR B 80 4.15 24.07 3.85
CA THR B 80 4.49 24.80 2.63
C THR B 80 4.33 23.98 1.36
N GLU B 81 4.13 22.66 1.48
CA GLU B 81 4.03 21.78 0.32
C GLU B 81 5.25 21.90 -0.59
N ALA B 82 6.43 22.03 0.02
CA ALA B 82 7.67 22.05 -0.75
C ALA B 82 7.89 20.74 -1.48
N LEU B 83 7.32 19.65 -0.98
CA LEU B 83 7.29 18.35 -1.62
C LEU B 83 5.85 17.88 -1.66
N PRO B 84 5.51 16.97 -2.56
CA PRO B 84 4.17 16.37 -2.50
C PRO B 84 3.95 15.70 -1.15
N LEU B 85 2.72 15.84 -0.64
CA LEU B 85 2.42 15.34 0.69
C LEU B 85 2.70 13.84 0.79
N TYR B 86 2.34 13.09 -0.25
CA TYR B 86 2.61 11.66 -0.25
C TYR B 86 4.11 11.38 -0.18
N VAL B 87 4.90 12.20 -0.88
CA VAL B 87 6.35 12.02 -0.85
C VAL B 87 6.91 12.38 0.51
N THR B 88 6.43 13.49 1.09
CA THR B 88 6.91 13.90 2.40
C THR B 88 6.60 12.85 3.46
N SER B 89 5.45 12.18 3.34
CA SER B 89 5.11 11.11 4.26
C SER B 89 6.04 9.90 4.15
N MET B 90 6.80 9.80 3.07
CA MET B 90 7.76 8.70 2.92
C MET B 90 8.99 8.87 3.79
N ILE B 91 9.28 10.09 4.23
CA ILE B 91 10.52 10.44 4.93
C ILE B 91 10.77 9.56 6.16
N PRO B 92 9.77 9.25 6.99
CA PRO B 92 10.06 8.40 8.17
C PRO B 92 10.77 7.10 7.86
N ILE B 93 10.47 6.45 6.72
CA ILE B 93 11.14 5.21 6.36
C ILE B 93 12.65 5.40 6.32
N VAL B 94 13.10 6.57 5.89
CA VAL B 94 14.54 6.84 5.84
C VAL B 94 15.04 7.35 7.18
N ALA B 95 14.27 8.22 7.82
CA ALA B 95 14.78 8.93 8.99
C ALA B 95 14.84 8.03 10.23
N PHE B 96 13.75 7.32 10.52
CA PHE B 96 13.70 6.54 11.75
C PHE B 96 14.79 5.50 11.87
N PRO B 97 15.02 4.61 10.89
CA PRO B 97 16.07 3.60 11.06
C PRO B 97 17.45 4.20 11.21
N ILE B 98 17.76 5.28 10.49
CA ILE B 98 19.06 5.93 10.62
C ILE B 98 19.23 6.51 12.01
N MET B 99 18.20 7.18 12.52
CA MET B 99 18.26 7.77 13.85
C MET B 99 18.20 6.74 14.96
N GLY B 100 17.89 5.48 14.64
CA GLY B 100 17.82 4.44 15.65
C GLY B 100 16.54 4.41 16.45
N ILE B 101 15.54 5.20 16.08
CA ILE B 101 14.29 5.22 16.84
C ILE B 101 13.56 3.88 16.70
N MET B 102 13.40 3.40 15.48
CA MET B 102 12.77 2.10 15.24
C MET B 102 13.46 1.42 14.07
N SER B 103 13.35 0.09 14.04
CA SER B 103 13.86 -0.67 12.92
C SER B 103 13.05 -0.38 11.66
N SER B 104 13.70 -0.52 10.51
CA SER B 104 13.01 -0.24 9.25
C SER B 104 11.89 -1.24 9.00
N ASP B 105 12.08 -2.49 9.39
CA ASP B 105 11.00 -3.47 9.26
C ASP B 105 9.80 -3.07 10.10
N GLN B 106 10.04 -2.57 11.31
CA GLN B 106 8.95 -2.07 12.13
C GLN B 106 8.34 -0.82 11.52
N THR B 107 9.18 0.12 11.06
CA THR B 107 8.68 1.38 10.55
C THR B 107 7.75 1.16 9.36
N CYS B 108 8.12 0.26 8.46
CA CYS B 108 7.25 -0.06 7.34
C CYS B 108 5.96 -0.74 7.80
N ARG B 109 6.06 -1.59 8.83
CA ARG B 109 4.88 -2.26 9.34
C ARG B 109 3.90 -1.28 9.99
N LEU B 110 4.38 -0.17 10.53
CA LEU B 110 3.45 0.85 11.02
C LEU B 110 2.64 1.45 9.89
N TYR B 111 3.17 1.48 8.66
CA TYR B 111 2.31 1.82 7.54
C TYR B 111 1.30 0.70 7.33
N PHE B 112 0.32 0.97 6.47
CA PHE B 112 -0.67 -0.04 6.08
C PHE B 112 -1.31 -0.69 7.30
N LYS B 113 -1.63 0.13 8.30
CA LYS B 113 -2.28 -0.36 9.50
C LYS B 113 -3.72 -0.80 9.17
N ASP B 114 -4.42 -1.31 10.18
CA ASP B 114 -5.77 -1.79 9.97
C ASP B 114 -6.70 -0.67 9.51
N THR B 115 -6.62 0.49 10.18
CA THR B 115 -7.46 1.61 9.79
C THR B 115 -7.14 2.11 8.39
N LEU B 116 -5.87 2.02 7.99
CA LEU B 116 -5.52 2.39 6.62
C LEU B 116 -6.17 1.45 5.63
N VAL B 117 -6.18 0.15 5.93
CA VAL B 117 -6.86 -0.81 5.07
C VAL B 117 -8.35 -0.51 5.00
N MET B 118 -8.93 -0.13 6.14
CA MET B 118 -10.33 0.27 6.15
C MET B 118 -10.57 1.47 5.24
N PHE B 119 -9.69 2.48 5.30
CA PHE B 119 -9.86 3.66 4.47
C PHE B 119 -9.77 3.29 2.98
N MET B 120 -8.77 2.50 2.62
CA MET B 120 -8.60 2.12 1.21
C MET B 120 -9.78 1.29 0.72
N GLY B 121 -10.25 0.35 1.54
CA GLY B 121 -11.42 -0.41 1.16
C GLY B 121 -12.66 0.44 1.03
N GLY B 122 -12.80 1.44 1.90
CA GLY B 122 -13.92 2.35 1.79
C GLY B 122 -13.88 3.15 0.50
N ILE B 123 -12.69 3.58 0.10
CA ILE B 123 -12.55 4.25 -1.20
C ILE B 123 -12.92 3.31 -2.33
N MET B 124 -12.51 2.04 -2.22
CA MET B 124 -12.86 1.06 -3.25
C MET B 124 -14.37 0.85 -3.33
N VAL B 125 -15.03 0.78 -2.18
CA VAL B 125 -16.49 0.58 -2.19
C VAL B 125 -17.19 1.81 -2.73
N ALA B 126 -16.69 3.00 -2.42
CA ALA B 126 -17.26 4.22 -3.00
C ALA B 126 -17.09 4.22 -4.51
N LEU B 127 -15.93 3.79 -5.01
CA LEU B 127 -15.74 3.69 -6.45
C LEU B 127 -16.67 2.67 -7.07
N ALA B 128 -16.91 1.55 -6.37
CA ALA B 128 -17.88 0.57 -6.85
C ALA B 128 -19.28 1.17 -6.94
N VAL B 129 -19.65 1.98 -5.94
CA VAL B 129 -20.92 2.67 -5.97
C VAL B 129 -20.99 3.61 -7.17
N GLU B 130 -19.91 4.33 -7.43
CA GLU B 130 -19.88 5.25 -8.57
C GLU B 130 -19.94 4.51 -9.91
N TYR B 131 -19.35 3.32 -9.99
CA TYR B 131 -19.24 2.61 -11.25
C TYR B 131 -20.62 2.21 -11.79
N CYS B 132 -21.51 1.79 -10.91
CA CYS B 132 -22.86 1.41 -11.32
C CYS B 132 -23.80 2.59 -11.46
N ASN B 133 -23.28 3.81 -11.30
CA ASN B 133 -24.07 5.05 -11.40
C ASN B 133 -25.18 5.09 -10.35
N LEU B 134 -24.97 4.41 -9.21
CA LEU B 134 -25.90 4.54 -8.10
C LEU B 134 -25.83 5.93 -7.49
N HIS B 135 -24.66 6.55 -7.50
CA HIS B 135 -24.50 7.87 -6.91
C HIS B 135 -25.35 8.90 -7.63
N LYS B 136 -25.46 8.78 -8.95
CA LYS B 136 -26.32 9.72 -9.69
C LYS B 136 -27.77 9.57 -9.27
N ARG B 137 -28.24 8.34 -9.11
CA ARG B 137 -29.61 8.11 -8.68
C ARG B 137 -29.84 8.69 -7.29
N LEU B 138 -28.91 8.46 -6.37
CA LEU B 138 -29.07 8.98 -5.01
C LEU B 138 -29.07 10.50 -5.00
N ALA B 139 -28.18 11.11 -5.78
CA ALA B 139 -28.14 12.57 -5.85
C ALA B 139 -29.42 13.13 -6.45
N LEU B 140 -29.94 12.49 -7.49
CA LEU B 140 -31.20 12.95 -8.06
C LEU B 140 -32.32 12.84 -7.04
N ARG B 141 -32.34 11.74 -6.28
CA ARG B 141 -33.37 11.57 -5.26
C ARG B 141 -33.28 12.67 -4.20
N VAL B 142 -32.06 12.97 -3.72
CA VAL B 142 -31.93 13.95 -2.65
C VAL B 142 -32.22 15.36 -3.16
N ILE B 143 -31.85 15.67 -4.41
CA ILE B 143 -32.18 16.98 -4.96
C ILE B 143 -33.68 17.11 -5.17
N GLN B 144 -34.33 16.03 -5.61
CA GLN B 144 -35.79 16.04 -5.73
C GLN B 144 -36.45 16.25 -4.37
N ILE B 145 -35.86 15.69 -3.32
CA ILE B 145 -36.40 15.87 -1.97
C ILE B 145 -36.23 17.32 -1.52
N VAL B 146 -35.04 17.88 -1.70
CA VAL B 146 -34.71 19.16 -1.07
C VAL B 146 -35.22 20.34 -1.89
N GLY B 147 -34.91 20.38 -3.18
CA GLY B 147 -35.44 21.46 -4.02
C GLY B 147 -34.45 22.21 -4.88
N CYS B 148 -33.27 21.65 -5.10
CA CYS B 148 -32.31 22.17 -6.09
C CYS B 148 -31.87 23.60 -5.77
N SER B 149 -31.83 23.96 -4.49
CA SER B 149 -31.27 25.25 -4.06
C SER B 149 -29.91 25.01 -3.46
N PRO B 150 -28.82 25.56 -4.03
CA PRO B 150 -27.48 25.18 -3.57
C PRO B 150 -27.25 25.38 -2.09
N ARG B 151 -27.77 26.46 -1.51
CA ARG B 151 -27.64 26.67 -0.07
C ARG B 151 -28.40 25.61 0.71
N ARG B 152 -29.64 25.34 0.31
CA ARG B 152 -30.44 24.33 1.00
C ARG B 152 -29.83 22.94 0.85
N LEU B 153 -29.36 22.59 -0.35
CA LEU B 153 -28.66 21.32 -0.52
C LEU B 153 -27.41 21.25 0.34
N HIS B 154 -26.63 22.33 0.39
CA HIS B 154 -25.42 22.32 1.21
C HIS B 154 -25.78 22.07 2.67
N PHE B 155 -26.79 22.77 3.17
CA PHE B 155 -27.21 22.58 4.55
C PHE B 155 -27.68 21.16 4.82
N GLY B 156 -28.50 20.62 3.91
CA GLY B 156 -29.01 19.28 4.11
C GLY B 156 -27.91 18.23 4.10
N LEU B 157 -26.98 18.34 3.15
CA LEU B 157 -25.87 17.39 3.09
C LEU B 157 -24.97 17.51 4.32
N ILE B 158 -24.72 18.73 4.79
CA ILE B 158 -23.91 18.90 6.00
C ILE B 158 -24.60 18.22 7.19
N MET B 159 -25.90 18.47 7.35
CA MET B 159 -26.62 17.90 8.49
C MET B 159 -26.66 16.38 8.42
N VAL B 160 -26.89 15.82 7.23
CA VAL B 160 -26.96 14.36 7.13
C VAL B 160 -25.58 13.75 7.35
N THR B 161 -24.53 14.40 6.87
CA THR B 161 -23.18 13.89 7.11
C THR B 161 -22.85 13.92 8.60
N MET B 162 -23.22 14.99 9.29
CA MET B 162 -23.00 15.08 10.73
C MET B 162 -23.75 13.98 11.48
N PHE B 163 -25.04 13.82 11.16
CA PHE B 163 -25.84 12.80 11.83
C PHE B 163 -25.30 11.40 11.55
N LEU B 164 -24.78 11.18 10.34
CA LEU B 164 -24.27 9.87 9.98
C LEU B 164 -22.93 9.59 10.66
N SER B 165 -22.04 10.59 10.69
CA SER B 165 -20.77 10.44 11.39
C SER B 165 -20.95 10.36 12.90
N MET B 166 -22.13 10.72 13.42
CA MET B 166 -22.41 10.48 14.83
C MET B 166 -22.30 9.01 15.21
N TRP B 167 -22.44 8.09 14.25
CA TRP B 167 -22.46 6.67 14.55
C TRP B 167 -21.40 5.85 13.84
N ILE B 168 -20.78 6.37 12.77
CA ILE B 168 -19.82 5.62 11.98
C ILE B 168 -18.51 6.40 11.97
N SER B 169 -17.42 5.69 11.67
CA SER B 169 -16.10 6.31 11.61
C SER B 169 -16.10 7.47 10.62
N ASN B 170 -15.37 8.54 10.98
CA ASN B 170 -15.41 9.76 10.19
C ASN B 170 -14.94 9.55 8.76
N ALA B 171 -13.81 8.86 8.60
CA ALA B 171 -13.30 8.61 7.25
C ALA B 171 -14.22 7.72 6.46
N ALA B 172 -14.89 6.78 7.11
CA ALA B 172 -15.87 5.94 6.43
C ALA B 172 -17.00 6.79 5.85
N CYS B 173 -17.52 7.72 6.66
CA CYS B 173 -18.59 8.58 6.18
C CYS B 173 -18.10 9.52 5.08
N THR B 174 -16.87 10.01 5.18
CA THR B 174 -16.35 10.91 4.17
C THR B 174 -16.19 10.19 2.83
N ALA B 175 -15.60 8.99 2.84
CA ALA B 175 -15.49 8.21 1.61
C ALA B 175 -16.85 7.82 1.09
N MET B 176 -17.80 7.57 2.00
CA MET B 176 -19.19 7.33 1.62
C MET B 176 -19.75 8.50 0.82
N MET B 177 -19.58 9.71 1.35
CA MET B 177 -20.32 10.86 0.88
C MET B 177 -19.63 11.61 -0.24
N CYS B 178 -18.35 11.32 -0.52
CA CYS B 178 -17.69 11.99 -1.63
C CYS B 178 -18.38 11.77 -2.97
N PRO B 179 -18.72 10.54 -3.40
CA PRO B 179 -19.43 10.40 -4.68
C PRO B 179 -20.78 11.09 -4.69
N ILE B 180 -21.50 11.13 -3.57
CA ILE B 180 -22.79 11.80 -3.53
C ILE B 180 -22.62 13.29 -3.81
N ILE B 181 -21.62 13.90 -3.17
CA ILE B 181 -21.34 15.31 -3.40
C ILE B 181 -20.92 15.54 -4.84
N GLN B 182 -20.12 14.63 -5.39
CA GLN B 182 -19.68 14.76 -6.77
C GLN B 182 -20.88 14.74 -7.72
N ALA B 183 -21.81 13.82 -7.50
CA ALA B 183 -22.99 13.73 -8.36
C ALA B 183 -23.89 14.94 -8.20
N VAL B 184 -24.08 15.42 -6.97
CA VAL B 184 -24.90 16.60 -6.74
C VAL B 184 -24.31 17.80 -7.45
N LEU B 185 -23.00 17.99 -7.33
CA LEU B 185 -22.35 19.11 -7.97
C LEU B 185 -22.37 18.97 -9.49
N GLU B 186 -22.27 17.74 -10.00
CA GLU B 186 -22.40 17.52 -11.44
C GLU B 186 -23.78 17.92 -11.93
N GLU B 187 -24.83 17.55 -11.18
CA GLU B 187 -26.18 17.95 -11.57
C GLU B 187 -26.32 19.47 -11.53
N LEU B 188 -25.77 20.11 -10.51
CA LEU B 188 -25.83 21.58 -10.45
C LEU B 188 -25.11 22.20 -11.64
N GLN B 189 -23.95 21.63 -12.02
CA GLN B 189 -23.25 22.13 -13.20
C GLN B 189 -24.10 21.93 -14.46
N ALA B 190 -24.79 20.79 -14.56
CA ALA B 190 -25.66 20.56 -15.70
C ALA B 190 -26.81 21.56 -15.75
N GLN B 191 -27.30 21.99 -14.60
CA GLN B 191 -28.36 23.00 -14.56
C GLN B 191 -27.82 24.42 -14.74
N GLY B 192 -26.52 24.58 -14.94
CA GLY B 192 -25.94 25.90 -15.07
C GLY B 192 -25.75 26.64 -13.77
N VAL B 193 -25.84 25.94 -12.63
CA VAL B 193 -25.69 26.61 -11.34
C VAL B 193 -24.27 27.15 -11.17
N CYS B 194 -23.28 26.31 -11.44
CA CYS B 194 -21.89 26.67 -11.18
C CYS B 194 -20.98 25.75 -11.98
N LYS B 195 -19.69 26.08 -11.96
CA LYS B 195 -18.66 25.25 -12.56
C LYS B 195 -17.95 24.47 -11.47
N ILE B 196 -17.76 23.17 -11.69
CA ILE B 196 -17.16 22.32 -10.66
C ILE B 196 -15.70 22.70 -10.43
N ASN B 197 -14.94 22.87 -11.50
CA ASN B 197 -13.51 23.14 -11.41
C ASN B 197 -13.15 24.36 -12.24
N HIS B 198 -12.11 25.07 -11.81
CA HIS B 198 -11.61 26.20 -12.56
C HIS B 198 -11.06 25.75 -13.90
N GLU B 199 -11.33 26.52 -14.94
CA GLU B 199 -10.81 26.21 -16.26
C GLU B 199 -9.30 26.44 -16.29
N PRO B 200 -8.57 25.65 -17.08
CA PRO B 200 -7.11 25.82 -17.22
C PRO B 200 -6.73 27.11 -17.92
N ASP B 214 1.13 16.58 -14.45
CA ASP B 214 1.00 18.03 -14.34
C ASP B 214 0.08 18.38 -13.16
N GLU B 215 -0.23 19.67 -13.04
CA GLU B 215 -1.07 20.13 -11.93
C GLU B 215 -2.52 19.72 -12.17
N PRO B 216 -3.18 19.11 -11.19
CA PRO B 216 -4.60 18.75 -11.34
C PRO B 216 -5.47 19.99 -11.37
N PRO B 217 -6.70 19.88 -11.88
CA PRO B 217 -7.56 21.06 -11.98
C PRO B 217 -7.86 21.67 -10.63
N TYR B 218 -7.96 23.00 -10.62
CA TYR B 218 -8.27 23.74 -9.40
C TYR B 218 -9.76 23.66 -9.10
N PRO B 219 -10.16 23.26 -7.90
CA PRO B 219 -11.58 23.23 -7.56
C PRO B 219 -12.13 24.64 -7.39
N THR B 220 -13.43 24.77 -7.66
CA THR B 220 -14.11 26.05 -7.56
C THR B 220 -14.58 26.27 -6.12
N LYS B 221 -14.90 27.53 -5.80
CA LYS B 221 -15.32 27.88 -4.45
C LYS B 221 -16.53 27.07 -4.00
N ILE B 222 -17.44 26.75 -4.93
CA ILE B 222 -18.56 25.88 -4.57
C ILE B 222 -18.07 24.47 -4.25
N THR B 223 -17.17 23.95 -5.09
CA THR B 223 -16.61 22.62 -4.85
C THR B 223 -15.86 22.59 -3.53
N LEU B 224 -15.04 23.61 -3.28
CA LEU B 224 -14.31 23.71 -2.02
C LEU B 224 -15.28 23.76 -0.84
N CYS B 225 -16.32 24.58 -0.96
CA CYS B 225 -17.31 24.69 0.11
C CYS B 225 -17.93 23.33 0.42
N TYR B 226 -18.42 22.65 -0.61
CA TYR B 226 -19.10 21.37 -0.38
C TYR B 226 -18.16 20.32 0.21
N TYR B 227 -16.97 20.16 -0.37
CA TYR B 227 -16.08 19.10 0.09
C TYR B 227 -15.51 19.39 1.48
N LEU B 228 -15.04 20.62 1.70
CA LEU B 228 -14.57 20.98 3.03
C LEU B 228 -15.68 20.90 4.05
N GLY B 229 -16.92 21.20 3.65
CA GLY B 229 -18.03 21.05 4.56
C GLY B 229 -18.28 19.60 4.92
N ILE B 230 -18.15 18.70 3.94
CA ILE B 230 -18.32 17.27 4.23
C ILE B 230 -17.26 16.82 5.22
N ALA B 231 -16.01 17.21 4.99
CA ALA B 231 -14.93 16.82 5.90
C ALA B 231 -15.16 17.37 7.30
N TYR B 232 -15.50 18.66 7.39
CA TYR B 232 -15.70 19.30 8.69
C TYR B 232 -16.91 18.70 9.40
N ALA B 233 -17.97 18.39 8.66
CA ALA B 233 -19.14 17.78 9.26
C ALA B 233 -18.81 16.40 9.81
N SER B 234 -18.03 15.62 9.08
CA SER B 234 -17.60 14.32 9.61
C SER B 234 -16.81 14.51 10.90
N SER B 235 -15.85 15.43 10.89
CA SER B 235 -15.01 15.64 12.08
C SER B 235 -15.86 16.09 13.27
N LEU B 236 -16.80 17.00 13.04
CA LEU B 236 -17.61 17.53 14.13
C LEU B 236 -18.59 16.48 14.66
N GLY B 237 -19.30 15.79 13.75
CA GLY B 237 -20.24 14.78 14.17
C GLY B 237 -19.61 13.58 14.83
N GLY B 238 -18.32 13.35 14.58
CA GLY B 238 -17.63 12.28 15.30
C GLY B 238 -17.57 12.49 16.79
N CYS B 239 -17.72 13.72 17.26
CA CYS B 239 -17.60 14.04 18.68
C CYS B 239 -18.90 13.97 19.45
N GLY B 240 -20.03 13.77 18.76
CA GLY B 240 -21.30 13.77 19.45
C GLY B 240 -21.64 12.48 20.16
N THR B 241 -20.90 11.41 19.91
CA THR B 241 -21.18 10.11 20.46
C THR B 241 -19.87 9.38 20.74
N ILE B 242 -19.91 8.49 21.72
CA ILE B 242 -18.73 7.66 22.02
C ILE B 242 -18.33 6.85 20.80
N ILE B 243 -19.32 6.27 20.11
CA ILE B 243 -19.06 5.50 18.90
C ILE B 243 -18.57 6.41 17.77
N GLY B 244 -18.77 7.72 17.89
CA GLY B 244 -18.53 8.61 16.76
C GLY B 244 -17.12 8.55 16.23
N THR B 245 -16.14 8.43 17.12
CA THR B 245 -14.74 8.38 16.69
C THR B 245 -13.92 7.63 17.71
N ALA B 246 -12.74 7.18 17.28
CA ALA B 246 -11.85 6.44 18.16
C ALA B 246 -11.22 7.32 19.23
N THR B 247 -11.11 8.62 18.99
CA THR B 247 -10.56 9.51 20.00
C THR B 247 -11.43 9.55 21.25
N ASN B 248 -12.75 9.57 21.07
CA ASN B 248 -13.66 9.57 22.20
C ASN B 248 -13.47 8.33 23.05
N LEU B 249 -13.43 7.16 22.41
CA LEU B 249 -13.19 5.92 23.13
C LEU B 249 -11.84 5.94 23.82
N THR B 250 -10.81 6.48 23.15
CA THR B 250 -9.47 6.51 23.72
C THR B 250 -9.44 7.31 25.02
N PHE B 251 -9.92 8.56 24.98
CA PHE B 251 -9.80 9.35 26.19
C PHE B 251 -10.82 8.95 27.25
N LYS B 252 -11.98 8.41 26.84
CA LYS B 252 -12.91 7.86 27.81
C LYS B 252 -12.29 6.68 28.56
N GLY B 253 -11.60 5.79 27.84
CA GLY B 253 -10.93 4.69 28.49
C GLY B 253 -9.79 5.14 29.38
N ILE B 254 -9.04 6.15 28.94
CA ILE B 254 -7.96 6.68 29.77
C ILE B 254 -8.52 7.25 31.07
N TYR B 255 -9.60 8.03 30.97
CA TYR B 255 -10.21 8.59 32.17
C TYR B 255 -10.75 7.50 33.09
N GLU B 256 -11.39 6.48 32.51
CA GLU B 256 -11.94 5.41 33.33
C GLU B 256 -10.84 4.63 34.06
N ALA B 257 -9.77 4.29 33.34
CA ALA B 257 -8.68 3.53 33.95
C ALA B 257 -7.97 4.36 35.01
N ARG B 258 -7.69 5.63 34.70
CA ARG B 258 -6.99 6.48 35.66
C ARG B 258 -7.82 6.72 36.92
N PHE B 259 -9.12 6.90 36.76
CA PHE B 259 -10.01 7.25 37.88
C PHE B 259 -11.12 6.21 38.00
N LYS B 260 -10.88 5.22 38.87
CA LYS B 260 -11.98 4.40 39.35
C LYS B 260 -12.75 5.13 40.44
N ASN B 261 -13.84 4.51 40.88
CA ASN B 261 -14.73 5.04 41.93
C ASN B 261 -14.98 6.54 41.79
N SER B 262 -15.17 7.00 40.56
CA SER B 262 -15.50 8.40 40.29
C SER B 262 -17.01 8.52 40.11
N THR B 263 -17.60 9.48 40.81
CA THR B 263 -19.05 9.62 40.79
C THR B 263 -19.55 9.95 39.38
N GLU B 264 -18.85 10.83 38.68
CA GLU B 264 -19.26 11.24 37.34
C GLU B 264 -18.77 10.21 36.32
N GLN B 265 -19.68 9.71 35.50
CA GLN B 265 -19.38 8.67 34.54
C GLN B 265 -19.51 9.21 33.12
N MET B 266 -18.69 8.67 32.23
CA MET B 266 -18.83 8.93 30.79
C MET B 266 -19.74 7.90 30.14
N ASP B 267 -20.93 7.76 30.70
CA ASP B 267 -21.88 6.77 30.19
C ASP B 267 -22.36 7.18 28.81
N PHE B 268 -22.79 6.17 28.03
CA PHE B 268 -23.17 6.42 26.64
C PHE B 268 -24.28 7.46 26.50
N PRO B 269 -25.40 7.41 27.24
CA PRO B 269 -26.37 8.50 27.11
C PRO B 269 -25.87 9.81 27.71
N THR B 270 -25.09 9.76 28.79
CA THR B 270 -24.61 10.98 29.42
C THR B 270 -23.67 11.74 28.51
N PHE B 271 -22.77 11.04 27.82
CA PHE B 271 -21.85 11.70 26.91
C PHE B 271 -22.59 12.36 25.76
N MET B 272 -23.61 11.69 25.22
CA MET B 272 -24.44 12.29 24.19
C MET B 272 -25.15 13.52 24.73
N PHE B 273 -25.70 13.42 25.94
CA PHE B 273 -26.40 14.56 26.54
C PHE B 273 -25.46 15.75 26.68
N TYR B 274 -24.19 15.49 27.01
CA TYR B 274 -23.23 16.58 27.15
C TYR B 274 -22.84 17.16 25.79
N SER B 275 -22.63 16.31 24.79
CA SER B 275 -21.97 16.74 23.57
C SER B 275 -22.92 17.23 22.48
N VAL B 276 -24.13 16.66 22.41
CA VAL B 276 -25.04 17.00 21.30
C VAL B 276 -25.36 18.49 21.23
N PRO B 277 -25.66 19.19 22.33
CA PRO B 277 -25.91 20.64 22.20
C PRO B 277 -24.75 21.39 21.57
N SER B 278 -23.54 21.23 22.12
CA SER B 278 -22.39 21.91 21.54
C SER B 278 -22.13 21.43 20.12
N MET B 279 -22.25 20.12 19.89
CA MET B 279 -22.05 19.58 18.55
C MET B 279 -22.94 20.28 17.54
N LEU B 280 -24.24 20.34 17.83
CA LEU B 280 -25.17 21.01 16.91
C LEU B 280 -24.83 22.48 16.76
N VAL B 281 -24.50 23.15 17.86
CA VAL B 281 -24.27 24.59 17.79
C VAL B 281 -23.08 24.90 16.89
N TYR B 282 -21.94 24.24 17.12
CA TYR B 282 -20.82 24.56 16.24
C TYR B 282 -20.94 23.92 14.87
N THR B 283 -21.80 22.91 14.69
CA THR B 283 -22.05 22.42 13.34
C THR B 283 -22.80 23.45 12.51
N LEU B 284 -23.87 24.01 13.06
CA LEU B 284 -24.56 25.10 12.36
C LEU B 284 -23.67 26.31 12.18
N LEU B 285 -22.85 26.64 13.19
CA LEU B 285 -21.96 27.79 13.05
C LEU B 285 -20.91 27.55 11.98
N THR B 286 -20.38 26.33 11.89
CA THR B 286 -19.44 25.99 10.83
C THR B 286 -20.10 26.07 9.46
N PHE B 287 -21.34 25.60 9.35
CA PHE B 287 -22.05 25.71 8.09
C PHE B 287 -22.25 27.17 7.69
N VAL B 288 -22.61 28.02 8.66
CA VAL B 288 -22.79 29.44 8.39
C VAL B 288 -21.48 30.08 7.96
N PHE B 289 -20.38 29.73 8.65
CA PHE B 289 -19.09 30.30 8.29
C PHE B 289 -18.67 29.86 6.90
N LEU B 290 -18.85 28.59 6.59
CA LEU B 290 -18.37 28.08 5.28
C LEU B 290 -19.17 28.77 4.18
N GLN B 291 -20.47 28.94 4.39
CA GLN B 291 -21.33 29.63 3.39
C GLN B 291 -20.86 31.07 3.23
N TRP B 292 -20.54 31.75 4.34
CA TRP B 292 -20.03 33.13 4.25
C TRP B 292 -18.67 33.16 3.54
N HIS B 293 -17.78 32.22 3.88
CA HIS B 293 -16.41 32.25 3.31
C HIS B 293 -16.43 32.00 1.80
N PHE B 294 -17.24 31.04 1.35
CA PHE B 294 -17.20 30.67 -0.10
C PHE B 294 -18.37 31.27 -0.90
N MET B 295 -19.59 31.19 -0.37
CA MET B 295 -20.77 31.64 -1.17
C MET B 295 -21.24 33.04 -0.76
N GLY B 296 -20.46 33.74 0.08
CA GLY B 296 -20.82 35.13 0.45
C GLY B 296 -22.22 35.24 1.00
N LEU B 297 -22.56 34.43 2.01
CA LEU B 297 -23.96 34.43 2.53
C LEU B 297 -24.31 35.82 3.04
N TRP B 298 -23.41 36.45 3.81
CA TRP B 298 -23.72 37.78 4.40
C TRP B 298 -23.26 38.89 3.46
N ARG B 299 -22.53 38.54 2.38
CA ARG B 299 -22.00 39.60 1.48
C ARG B 299 -22.72 39.55 0.14
N PRO B 300 -23.53 40.56 -0.21
CA PRO B 300 -24.20 40.61 -1.51
C PRO B 300 -23.36 41.27 -2.60
N LYS B 301 -22.18 41.79 -2.25
CA LYS B 301 -21.35 42.51 -3.25
C LYS B 301 -20.85 41.56 -4.35
N SER B 302 -20.35 40.37 -3.97
CA SER B 302 -19.77 39.44 -4.97
C SER B 302 -19.72 38.00 -4.45
N LYS B 303 -19.62 37.00 -5.33
CA LYS B 303 -19.45 35.57 -4.95
C LYS B 303 -20.76 34.96 -4.50
N GLU B 304 -21.85 35.73 -4.51
CA GLU B 304 -23.19 35.18 -4.19
C GLU B 304 -24.03 35.26 -5.45
N ALA B 305 -23.47 35.85 -6.51
CA ALA B 305 -24.25 36.06 -7.75
C ALA B 305 -24.69 34.71 -8.31
N GLN B 306 -23.80 33.71 -8.29
CA GLN B 306 -24.15 32.39 -8.87
C GLN B 306 -25.30 31.76 -8.09
N GLU B 307 -25.24 31.79 -6.75
CA GLU B 307 -26.34 31.24 -5.92
C GLU B 307 -27.60 32.10 -6.08
N VAL B 308 -27.42 33.43 -6.12
CA VAL B 308 -28.58 34.36 -6.28
C VAL B 308 -29.23 34.08 -7.64
N GLN B 309 -28.41 33.92 -8.68
CA GLN B 309 -28.95 33.59 -10.02
C GLN B 309 -29.74 32.30 -9.87
N ARG B 310 -29.11 31.25 -9.35
CA ARG B 310 -29.81 29.96 -9.26
C ARG B 310 -31.12 30.11 -8.50
N GLY B 311 -31.13 30.90 -7.43
CA GLY B 311 -32.35 31.10 -6.68
C GLY B 311 -33.46 31.72 -7.51
N ARG B 312 -33.12 32.69 -8.36
CA ARG B 312 -34.15 33.31 -9.21
C ARG B 312 -34.71 32.35 -10.25
N GLU B 313 -33.85 31.54 -10.90
CA GLU B 313 -34.33 30.57 -11.87
C GLU B 313 -34.39 29.13 -11.37
N GLY B 314 -34.29 28.91 -10.06
CA GLY B 314 -34.41 27.58 -9.49
C GLY B 314 -35.81 27.18 -9.03
N ALA B 315 -36.84 27.89 -9.48
CA ALA B 315 -38.18 27.66 -8.97
C ALA B 315 -38.83 26.43 -9.59
N ASP B 316 -38.98 26.44 -10.90
CA ASP B 316 -39.81 25.44 -11.59
C ASP B 316 -39.05 24.68 -12.67
N VAL B 317 -38.18 25.37 -13.41
CA VAL B 317 -37.36 24.70 -14.42
C VAL B 317 -36.50 23.63 -13.78
N ALA B 318 -35.93 23.94 -12.60
CA ALA B 318 -35.13 22.94 -11.88
C ALA B 318 -35.96 21.71 -11.56
N LYS B 319 -37.19 21.91 -11.08
CA LYS B 319 -38.05 20.79 -10.73
C LYS B 319 -38.34 19.92 -11.94
N LYS B 320 -38.72 20.55 -13.06
CA LYS B 320 -39.05 19.78 -14.27
C LYS B 320 -37.83 19.03 -14.79
N VAL B 321 -36.68 19.69 -14.87
CA VAL B 321 -35.49 19.02 -15.37
C VAL B 321 -35.11 17.87 -14.46
N ILE B 322 -35.17 18.08 -13.14
CA ILE B 322 -34.68 17.08 -12.21
C ILE B 322 -35.61 15.86 -12.19
N ASP B 323 -36.94 16.06 -12.22
CA ASP B 323 -37.78 14.87 -12.16
C ASP B 323 -37.82 14.16 -13.51
N GLN B 324 -37.70 14.90 -14.62
CA GLN B 324 -37.57 14.23 -15.91
C GLN B 324 -36.29 13.39 -15.97
N ARG B 325 -35.18 13.94 -15.45
CA ARG B 325 -33.93 13.20 -15.46
C ARG B 325 -33.99 11.99 -14.54
N TYR B 326 -34.65 12.12 -13.39
CA TYR B 326 -34.82 10.95 -12.52
C TYR B 326 -35.69 9.90 -13.20
N LYS B 327 -36.68 10.32 -13.99
CA LYS B 327 -37.44 9.37 -14.80
C LYS B 327 -36.57 8.74 -15.89
N ASP B 328 -35.55 9.45 -16.34
CA ASP B 328 -34.71 8.95 -17.44
C ASP B 328 -33.93 7.71 -17.03
N LEU B 329 -33.46 7.66 -15.78
CA LEU B 329 -32.64 6.53 -15.34
C LEU B 329 -33.41 5.21 -15.36
N GLY B 330 -34.74 5.26 -15.26
CA GLY B 330 -35.55 4.06 -15.33
C GLY B 330 -35.56 3.32 -14.01
N PRO B 331 -36.13 2.11 -14.02
CA PRO B 331 -36.21 1.33 -12.78
C PRO B 331 -34.83 0.91 -12.30
N MET B 332 -34.73 0.69 -10.99
CA MET B 332 -33.47 0.27 -10.38
C MET B 332 -33.04 -1.07 -10.95
N SER B 333 -31.83 -1.11 -11.52
CA SER B 333 -31.31 -2.34 -12.10
C SER B 333 -30.76 -3.26 -11.02
N ILE B 334 -30.62 -4.54 -11.40
CA ILE B 334 -30.06 -5.52 -10.47
C ILE B 334 -28.61 -5.17 -10.13
N HIS B 335 -27.91 -4.51 -11.03
CA HIS B 335 -26.57 -4.01 -10.73
C HIS B 335 -26.58 -3.07 -9.53
N GLU B 336 -27.35 -2.00 -9.63
CA GLU B 336 -27.47 -1.06 -8.51
C GLU B 336 -28.10 -1.70 -7.30
N ILE B 337 -29.03 -2.64 -7.49
CA ILE B 337 -29.62 -3.32 -6.35
C ILE B 337 -28.56 -4.08 -5.56
N GLN B 338 -27.71 -4.84 -6.26
CA GLN B 338 -26.65 -5.58 -5.58
C GLN B 338 -25.67 -4.64 -4.91
N VAL B 339 -25.28 -3.57 -5.59
CA VAL B 339 -24.31 -2.63 -5.01
C VAL B 339 -24.88 -1.98 -3.76
N MET B 340 -26.13 -1.54 -3.82
CA MET B 340 -26.76 -0.89 -2.67
C MET B 340 -26.96 -1.87 -1.52
N ILE B 341 -27.33 -3.11 -1.82
CA ILE B 341 -27.46 -4.11 -0.76
C ILE B 341 -26.13 -4.34 -0.07
N LEU B 342 -25.06 -4.48 -0.86
CA LEU B 342 -23.74 -4.66 -0.27
C LEU B 342 -23.34 -3.44 0.56
N PHE B 343 -23.66 -2.25 0.08
CA PHE B 343 -23.27 -1.03 0.78
C PHE B 343 -24.00 -0.92 2.13
N ILE B 344 -25.31 -1.16 2.13
CA ILE B 344 -26.07 -1.13 3.37
C ILE B 344 -25.57 -2.19 4.32
N PHE B 345 -25.27 -3.38 3.79
CA PHE B 345 -24.69 -4.44 4.61
C PHE B 345 -23.39 -4.00 5.25
N MET B 346 -22.52 -3.34 4.48
CA MET B 346 -21.25 -2.89 5.02
C MET B 346 -21.44 -1.86 6.12
N VAL B 347 -22.35 -0.92 5.91
CA VAL B 347 -22.58 0.13 6.91
C VAL B 347 -23.11 -0.48 8.21
N VAL B 348 -24.12 -1.34 8.11
CA VAL B 348 -24.68 -1.98 9.29
C VAL B 348 -23.63 -2.85 9.96
N MET B 349 -22.79 -3.50 9.16
CA MET B 349 -21.78 -4.41 9.69
C MET B 349 -20.74 -3.62 10.48
N TYR B 350 -20.38 -2.42 10.01
CA TYR B 350 -19.61 -1.50 10.85
C TYR B 350 -20.35 -1.19 12.15
N PHE B 351 -21.60 -0.75 12.03
CA PHE B 351 -22.26 -0.14 13.19
C PHE B 351 -22.43 -1.13 14.34
N THR B 352 -22.57 -2.42 14.02
CA THR B 352 -22.78 -3.44 15.02
C THR B 352 -21.48 -4.10 15.49
N ARG B 353 -20.35 -3.41 15.39
CA ARG B 353 -19.07 -3.92 15.91
C ARG B 353 -18.78 -3.22 17.23
N LYS B 354 -19.03 -3.94 18.33
CA LYS B 354 -18.76 -3.44 19.67
C LYS B 354 -19.34 -2.05 19.91
N PRO B 355 -20.67 -1.88 19.80
CA PRO B 355 -21.24 -0.54 19.98
C PRO B 355 -21.27 -0.08 21.42
N GLY B 356 -21.19 -1.00 22.39
CA GLY B 356 -21.25 -0.65 23.78
C GLY B 356 -22.64 -0.64 24.39
N ILE B 357 -23.68 -0.59 23.56
CA ILE B 357 -25.05 -0.63 24.03
C ILE B 357 -25.72 -1.98 23.80
N PHE B 358 -25.13 -2.86 22.99
CA PHE B 358 -25.63 -4.21 22.82
C PHE B 358 -24.48 -5.07 22.31
N LEU B 359 -24.68 -6.39 22.39
CA LEU B 359 -23.65 -7.32 21.97
C LEU B 359 -23.39 -7.23 20.47
N GLY B 360 -22.26 -6.65 20.08
CA GLY B 360 -21.91 -6.56 18.68
C GLY B 360 -21.29 -7.86 18.17
N TRP B 361 -21.11 -7.94 16.85
CA TRP B 361 -20.54 -9.14 16.28
C TRP B 361 -19.06 -9.30 16.62
N ALA B 362 -18.42 -8.26 17.16
CA ALA B 362 -17.04 -8.39 17.60
C ALA B 362 -16.94 -9.16 18.91
N ASP B 363 -17.95 -9.06 19.78
CA ASP B 363 -18.00 -9.91 20.96
C ASP B 363 -18.13 -11.37 20.56
N LEU B 364 -18.97 -11.65 19.56
CA LEU B 364 -18.95 -12.94 18.91
C LEU B 364 -17.68 -13.07 18.07
N LEU B 365 -17.33 -14.31 17.73
CA LEU B 365 -16.14 -14.57 16.91
C LEU B 365 -14.90 -13.91 17.53
N ASN B 366 -14.79 -13.98 18.85
CA ASN B 366 -13.74 -13.31 19.58
C ASN B 366 -12.46 -14.12 19.68
N SER B 367 -12.28 -15.10 18.78
CA SER B 367 -11.04 -15.86 18.76
C SER B 367 -9.85 -14.96 18.47
N LYS B 368 -10.01 -14.04 17.52
CA LYS B 368 -9.02 -13.02 17.24
C LYS B 368 -9.72 -11.68 17.10
N ASP B 369 -8.98 -10.61 17.36
CA ASP B 369 -9.55 -9.26 17.34
C ASP B 369 -9.83 -8.85 15.91
N ILE B 370 -11.08 -8.99 15.49
CA ILE B 370 -11.52 -8.58 14.16
C ILE B 370 -11.93 -7.11 14.23
N ARG B 371 -11.32 -6.29 13.39
CA ARG B 371 -11.63 -4.88 13.32
C ARG B 371 -12.38 -4.59 12.02
N ASN B 372 -12.67 -3.31 11.78
CA ASN B 372 -13.58 -2.94 10.71
C ASN B 372 -12.99 -3.10 9.31
N SER B 373 -11.75 -3.58 9.18
CA SER B 373 -11.20 -3.80 7.85
C SER B 373 -11.80 -5.03 7.19
N MET B 374 -12.18 -6.03 7.98
CA MET B 374 -12.71 -7.27 7.41
C MET B 374 -13.98 -7.06 6.60
N PRO B 375 -15.03 -6.41 7.13
CA PRO B 375 -16.25 -6.24 6.30
C PRO B 375 -16.01 -5.47 5.03
N THR B 376 -15.13 -4.47 5.06
CA THR B 376 -14.90 -3.64 3.89
C THR B 376 -14.25 -4.43 2.78
N ILE B 377 -13.18 -5.16 3.10
CA ILE B 377 -12.52 -5.98 2.10
C ILE B 377 -13.44 -7.10 1.65
N PHE B 378 -14.30 -7.60 2.54
CA PHE B 378 -15.28 -8.59 2.13
C PHE B 378 -16.21 -8.03 1.07
N VAL B 379 -16.68 -6.79 1.27
CA VAL B 379 -17.55 -6.16 0.27
C VAL B 379 -16.79 -5.94 -1.04
N VAL B 380 -15.53 -5.53 -0.94
CA VAL B 380 -14.74 -5.30 -2.15
C VAL B 380 -14.60 -6.60 -2.95
N VAL B 381 -14.33 -7.71 -2.25
CA VAL B 381 -14.17 -8.99 -2.92
C VAL B 381 -15.51 -9.45 -3.51
N MET B 382 -16.60 -9.32 -2.74
CA MET B 382 -17.90 -9.72 -3.24
C MET B 382 -18.35 -8.86 -4.42
N CYS B 383 -17.79 -7.67 -4.57
CA CYS B 383 -18.06 -6.88 -5.77
C CYS B 383 -17.57 -7.60 -7.02
N PHE B 384 -16.37 -8.17 -6.96
CA PHE B 384 -15.84 -8.91 -8.10
C PHE B 384 -16.50 -10.28 -8.24
N MET B 385 -16.76 -10.96 -7.13
CA MET B 385 -17.29 -12.32 -7.21
C MET B 385 -18.69 -12.34 -7.81
N LEU B 386 -19.55 -11.41 -7.42
CA LEU B 386 -20.92 -11.40 -7.91
C LEU B 386 -20.98 -10.87 -9.34
N PRO B 387 -21.94 -11.33 -10.13
CA PRO B 387 -22.11 -10.79 -11.49
C PRO B 387 -23.02 -9.58 -11.49
N ALA B 388 -23.32 -9.05 -12.67
CA ALA B 388 -24.12 -7.84 -12.79
C ALA B 388 -25.36 -8.00 -13.67
N ASN B 389 -25.62 -9.20 -14.19
CA ASN B 389 -26.76 -9.39 -15.09
C ASN B 389 -27.76 -10.40 -14.57
N TYR B 390 -27.30 -11.58 -14.14
CA TYR B 390 -28.15 -12.74 -13.85
C TYR B 390 -28.93 -13.20 -15.08
N ALA B 391 -28.58 -12.70 -16.27
CA ALA B 391 -29.30 -13.09 -17.47
C ALA B 391 -29.00 -14.53 -17.88
N PHE B 392 -27.86 -15.06 -17.46
CA PHE B 392 -27.48 -16.41 -17.86
C PHE B 392 -28.38 -17.48 -17.27
N LEU B 393 -29.24 -17.14 -16.30
CA LEU B 393 -30.19 -18.11 -15.77
C LEU B 393 -31.17 -18.59 -16.83
N ARG B 394 -31.27 -17.86 -17.95
CA ARG B 394 -32.15 -18.28 -19.04
C ARG B 394 -31.72 -19.62 -19.63
N TYR B 395 -30.49 -20.04 -19.40
CA TYR B 395 -30.06 -21.36 -19.86
C TYR B 395 -30.90 -22.46 -19.20
N CYS B 396 -30.99 -22.44 -17.87
CA CYS B 396 -31.74 -23.46 -17.16
C CYS B 396 -33.25 -23.23 -17.28
N THR B 397 -33.69 -21.99 -17.14
CA THR B 397 -35.13 -21.71 -17.12
C THR B 397 -35.73 -21.74 -18.51
N ARG B 398 -34.98 -21.33 -19.53
CA ARG B 398 -35.42 -21.22 -20.92
C ARG B 398 -36.56 -20.21 -21.11
N ARG B 399 -36.85 -19.40 -20.08
CA ARG B 399 -37.90 -18.40 -20.20
C ARG B 399 -37.46 -17.22 -21.06
N GLY B 400 -36.22 -16.77 -20.89
CA GLY B 400 -35.73 -15.60 -21.59
C GLY B 400 -35.07 -15.95 -22.91
N GLY B 401 -35.37 -15.16 -23.93
CA GLY B 401 -34.85 -15.39 -25.27
C GLY B 401 -33.37 -15.11 -25.42
N PRO B 402 -32.95 -13.86 -25.21
CA PRO B 402 -31.56 -13.49 -25.48
C PRO B 402 -30.57 -14.24 -24.60
N VAL B 403 -29.37 -14.43 -25.14
CA VAL B 403 -28.29 -15.15 -24.45
C VAL B 403 -27.08 -14.23 -24.40
N PRO B 404 -26.37 -14.15 -23.28
CA PRO B 404 -25.25 -13.20 -23.19
C PRO B 404 -24.15 -13.42 -24.22
N THR B 405 -23.89 -14.67 -24.62
CA THR B 405 -22.85 -15.00 -25.58
C THR B 405 -21.50 -14.43 -25.17
N GLY B 406 -21.15 -14.60 -23.89
CA GLY B 406 -19.88 -14.16 -23.38
C GLY B 406 -19.84 -14.14 -21.87
N PRO B 407 -18.68 -13.83 -21.30
CA PRO B 407 -18.57 -13.74 -19.84
C PRO B 407 -19.29 -12.51 -19.31
N THR B 408 -20.24 -12.74 -18.42
CA THR B 408 -21.02 -11.64 -17.85
C THR B 408 -20.13 -10.78 -16.96
N PRO B 409 -20.07 -9.48 -17.18
CA PRO B 409 -19.20 -8.63 -16.36
C PRO B 409 -19.68 -8.59 -14.91
N SER B 410 -18.71 -8.39 -14.01
CA SER B 410 -19.00 -8.31 -12.59
C SER B 410 -19.36 -6.87 -12.20
N LEU B 411 -19.51 -6.64 -10.89
CA LEU B 411 -19.95 -5.34 -10.40
C LEU B 411 -18.93 -4.23 -10.65
N ILE B 412 -17.66 -4.59 -10.85
CA ILE B 412 -16.60 -3.58 -10.98
C ILE B 412 -15.39 -4.25 -11.61
N THR B 413 -14.55 -3.45 -12.26
CA THR B 413 -13.33 -3.93 -12.90
C THR B 413 -12.11 -3.37 -12.18
N TRP B 414 -11.05 -4.17 -12.11
CA TRP B 414 -9.86 -3.74 -11.37
C TRP B 414 -9.20 -2.52 -12.00
N LYS B 415 -9.22 -2.44 -13.33
CA LYS B 415 -8.66 -1.27 -14.00
C LYS B 415 -9.36 0.02 -13.54
N PHE B 416 -10.65 -0.08 -13.23
CA PHE B 416 -11.35 1.07 -12.67
C PHE B 416 -10.79 1.45 -11.31
N ILE B 417 -10.52 0.46 -10.45
CA ILE B 417 -10.01 0.76 -9.11
C ILE B 417 -8.62 1.39 -9.21
N GLN B 418 -7.75 0.82 -10.03
CA GLN B 418 -6.39 1.36 -10.13
C GLN B 418 -6.40 2.79 -10.65
N THR B 419 -7.25 3.07 -11.64
CA THR B 419 -7.25 4.39 -12.25
C THR B 419 -7.74 5.47 -11.30
N LYS B 420 -8.68 5.14 -10.40
CA LYS B 420 -9.37 6.16 -9.62
C LYS B 420 -8.90 6.26 -8.17
N VAL B 421 -8.33 5.20 -7.61
CA VAL B 421 -7.92 5.25 -6.20
C VAL B 421 -6.74 6.20 -6.05
N PRO B 422 -6.77 7.12 -5.08
CA PRO B 422 -5.59 7.94 -4.79
C PRO B 422 -4.59 7.19 -3.93
N TRP B 423 -3.73 6.38 -4.57
CA TRP B 423 -2.90 5.44 -3.83
C TRP B 423 -1.90 6.13 -2.91
N GLY B 424 -1.62 7.42 -3.12
CA GLY B 424 -0.73 8.13 -2.20
C GLY B 424 -1.29 8.29 -0.81
N LEU B 425 -2.60 8.16 -0.65
CA LEU B 425 -3.20 8.22 0.69
C LEU B 425 -2.65 7.13 1.58
N VAL B 426 -2.24 5.99 1.00
CA VAL B 426 -1.60 4.95 1.79
C VAL B 426 -0.37 5.50 2.49
N PHE B 427 0.52 6.14 1.72
CA PHE B 427 1.72 6.71 2.30
C PHE B 427 1.40 7.84 3.27
N LEU B 428 0.42 8.69 2.94
CA LEU B 428 0.12 9.83 3.81
C LEU B 428 -0.39 9.37 5.17
N LEU B 429 -1.43 8.52 5.18
CA LEU B 429 -2.01 8.08 6.44
C LEU B 429 -1.06 7.18 7.21
N GLY B 430 -0.35 6.29 6.50
CA GLY B 430 0.66 5.50 7.16
C GLY B 430 1.75 6.35 7.78
N GLY B 431 2.16 7.41 7.09
CA GLY B 431 3.16 8.30 7.65
C GLY B 431 2.67 8.98 8.91
N GLY B 432 1.40 9.38 8.93
CA GLY B 432 0.84 9.88 10.17
C GLY B 432 0.92 8.88 11.31
N PHE B 433 0.50 7.64 11.03
CA PHE B 433 0.52 6.61 12.08
C PHE B 433 1.94 6.31 12.55
N ALA B 434 2.88 6.19 11.61
CA ALA B 434 4.25 5.87 11.95
C ALA B 434 4.93 7.01 12.69
N LEU B 435 4.60 8.25 12.33
CA LEU B 435 5.12 9.39 13.06
C LEU B 435 4.60 9.40 14.49
N ALA B 436 3.32 9.03 14.68
CA ALA B 436 2.79 8.91 16.03
C ALA B 436 3.53 7.84 16.83
N GLU B 437 3.77 6.68 16.20
CA GLU B 437 4.46 5.59 16.90
C GLU B 437 5.90 5.98 17.23
N GLY B 438 6.57 6.66 16.30
CA GLY B 438 7.92 7.13 16.57
C GLY B 438 7.96 8.17 17.67
N SER B 439 6.95 9.04 17.72
CA SER B 439 6.87 9.99 18.83
C SER B 439 6.68 9.27 20.15
N LYS B 440 5.91 8.18 20.16
CA LYS B 440 5.78 7.38 21.37
C LYS B 440 7.12 6.77 21.78
N GLN B 441 7.79 6.09 20.84
CA GLN B 441 8.95 5.30 21.22
C GLN B 441 10.17 6.17 21.51
N SER B 442 10.40 7.20 20.69
CA SER B 442 11.59 8.03 20.83
C SER B 442 11.59 8.86 22.11
N GLY B 443 10.44 9.02 22.75
CA GLY B 443 10.36 9.80 23.96
C GLY B 443 9.86 11.22 23.82
N MET B 444 9.37 11.62 22.64
CA MET B 444 8.76 12.93 22.50
C MET B 444 7.54 13.06 23.39
N ALA B 445 6.82 11.95 23.59
CA ALA B 445 5.59 11.98 24.39
C ALA B 445 5.87 12.51 25.78
N LYS B 446 6.85 11.92 26.47
CA LYS B 446 7.16 12.36 27.83
C LYS B 446 7.69 13.78 27.83
N LEU B 447 8.48 14.14 26.83
CA LEU B 447 9.05 15.49 26.78
C LEU B 447 7.95 16.54 26.69
N ILE B 448 6.99 16.34 25.77
CA ILE B 448 5.90 17.30 25.62
C ILE B 448 5.01 17.29 26.86
N GLY B 449 4.74 16.10 27.41
CA GLY B 449 3.93 16.03 28.61
C GLY B 449 4.53 16.79 29.77
N ASN B 450 5.84 16.62 29.98
CA ASN B 450 6.52 17.38 31.04
C ASN B 450 6.54 18.87 30.74
N ALA B 451 6.68 19.23 29.45
CA ALA B 451 6.61 20.65 29.09
C ALA B 451 5.24 21.24 29.40
N LEU B 452 4.20 20.42 29.35
CA LEU B 452 2.85 20.92 29.63
C LEU B 452 2.60 21.16 31.10
N ILE B 453 3.40 20.54 31.99
CA ILE B 453 3.15 20.62 33.42
C ILE B 453 3.28 22.05 33.93
N GLY B 454 4.18 22.83 33.34
CA GLY B 454 4.50 24.16 33.86
C GLY B 454 3.34 25.14 33.86
N LEU B 455 2.23 24.82 33.20
CA LEU B 455 1.08 25.71 33.15
C LEU B 455 0.22 25.67 34.41
N LYS B 456 0.74 25.11 35.52
CA LYS B 456 -0.04 25.05 36.75
C LYS B 456 -0.30 26.43 37.33
N VAL B 457 0.59 27.39 37.08
CA VAL B 457 0.47 28.71 37.69
C VAL B 457 -0.72 29.50 37.18
N LEU B 458 -1.24 29.17 36.01
CA LEU B 458 -2.31 29.95 35.41
C LEU B 458 -3.61 29.78 36.19
N PRO B 459 -4.50 30.78 36.13
CA PRO B 459 -5.82 30.64 36.77
C PRO B 459 -6.69 29.61 36.08
N ASN B 460 -7.92 29.42 36.58
CA ASN B 460 -8.75 28.29 36.16
C ASN B 460 -9.20 28.44 34.71
N SER B 461 -9.97 29.48 34.41
CA SER B 461 -10.51 29.64 33.06
C SER B 461 -9.41 29.84 32.03
N VAL B 462 -8.38 30.60 32.39
CA VAL B 462 -7.23 30.76 31.50
C VAL B 462 -6.58 29.41 31.25
N LEU B 463 -6.47 28.58 32.29
CA LEU B 463 -5.91 27.25 32.11
C LEU B 463 -6.75 26.42 31.13
N LEU B 464 -8.07 26.47 31.28
CA LEU B 464 -8.94 25.71 30.38
C LEU B 464 -8.76 26.16 28.93
N LEU B 465 -8.75 27.47 28.72
CA LEU B 465 -8.58 27.98 27.35
C LEU B 465 -7.23 27.60 26.77
N VAL B 466 -6.17 27.72 27.59
CA VAL B 466 -4.83 27.38 27.10
C VAL B 466 -4.73 25.89 26.80
N VAL B 467 -5.36 25.05 27.62
CA VAL B 467 -5.35 23.62 27.37
C VAL B 467 -6.06 23.29 26.07
N ILE B 468 -7.20 23.93 25.81
CA ILE B 468 -7.92 23.68 24.57
C ILE B 468 -7.07 24.13 23.38
N LEU B 469 -6.45 25.30 23.48
CA LEU B 469 -5.61 25.79 22.39
C LEU B 469 -4.43 24.86 22.13
N VAL B 470 -3.78 24.38 23.19
CA VAL B 470 -2.65 23.47 23.04
C VAL B 470 -3.09 22.16 22.41
N ALA B 471 -4.25 21.64 22.84
CA ALA B 471 -4.76 20.41 22.26
C ALA B 471 -5.02 20.57 20.76
N VAL B 472 -5.63 21.69 20.36
CA VAL B 472 -5.87 21.93 18.95
C VAL B 472 -4.56 22.01 18.18
N PHE B 473 -3.60 22.78 18.71
CA PHE B 473 -2.32 22.95 18.02
C PHE B 473 -1.60 21.62 17.87
N LEU B 474 -1.62 20.78 18.90
CA LEU B 474 -0.95 19.50 18.82
C LEU B 474 -1.65 18.54 17.87
N THR B 475 -2.98 18.50 17.91
CA THR B 475 -3.71 17.61 17.01
C THR B 475 -3.67 18.10 15.57
N ALA B 476 -3.24 19.33 15.32
CA ALA B 476 -3.09 19.80 13.95
C ALA B 476 -2.05 18.99 13.18
N PHE B 477 -1.04 18.44 13.87
CA PHE B 477 0.11 17.83 13.22
C PHE B 477 0.24 16.33 13.47
N SER B 478 -0.79 15.66 13.98
CA SER B 478 -0.64 14.26 14.33
C SER B 478 -2.01 13.59 14.37
N SER B 479 -1.99 12.26 14.43
CA SER B 479 -3.21 11.49 14.59
C SER B 479 -3.89 11.86 15.90
N ASN B 480 -5.23 11.91 15.86
CA ASN B 480 -5.97 12.42 17.00
C ASN B 480 -5.81 11.52 18.22
N VAL B 481 -5.84 10.21 18.02
CA VAL B 481 -5.68 9.27 19.14
C VAL B 481 -4.31 9.46 19.78
N ALA B 482 -3.29 9.66 18.97
CA ALA B 482 -1.94 9.88 19.51
C ALA B 482 -1.90 11.11 20.39
N ILE B 483 -2.47 12.22 19.90
CA ILE B 483 -2.44 13.46 20.66
C ILE B 483 -3.22 13.32 21.97
N ALA B 484 -4.37 12.63 21.91
CA ALA B 484 -5.12 12.38 23.14
C ALA B 484 -4.28 11.58 24.13
N ASN B 485 -3.59 10.54 23.65
CA ASN B 485 -2.73 9.76 24.53
C ASN B 485 -1.62 10.62 25.12
N ILE B 486 -1.09 11.57 24.34
CA ILE B 486 -0.04 12.45 24.86
C ILE B 486 -0.59 13.33 25.96
N ILE B 487 -1.78 13.89 25.77
CA ILE B 487 -2.20 15.04 26.57
C ILE B 487 -3.05 14.67 27.77
N ILE B 488 -3.87 13.62 27.67
CA ILE B 488 -4.87 13.35 28.71
C ILE B 488 -4.24 13.00 30.06
N PRO B 489 -3.30 12.05 30.17
CA PRO B 489 -2.78 11.71 31.50
C PRO B 489 -2.12 12.87 32.22
N VAL B 490 -1.37 13.71 31.48
CA VAL B 490 -0.75 14.88 32.08
C VAL B 490 -1.82 15.82 32.61
N LEU B 491 -2.90 15.98 31.85
CA LEU B 491 -4.01 16.82 32.30
C LEU B 491 -4.63 16.27 33.57
N ALA B 492 -4.79 14.96 33.65
CA ALA B 492 -5.38 14.36 34.85
C ALA B 492 -4.50 14.58 36.07
N GLU B 493 -3.19 14.36 35.91
CA GLU B 493 -2.27 14.57 37.03
C GLU B 493 -2.23 16.03 37.44
N MET B 494 -2.24 16.95 36.47
CA MET B 494 -2.27 18.37 36.80
C MET B 494 -3.55 18.74 37.53
N SER B 495 -4.68 18.18 37.09
CA SER B 495 -5.95 18.46 37.75
C SER B 495 -5.93 17.98 39.19
N LEU B 496 -5.40 16.79 39.43
CA LEU B 496 -5.24 16.32 40.81
C LEU B 496 -4.27 17.21 41.58
N ALA B 497 -3.31 17.81 40.89
CA ALA B 497 -2.31 18.62 41.58
C ALA B 497 -2.90 19.95 42.08
N ILE B 498 -3.79 20.55 41.31
CA ILE B 498 -4.27 21.90 41.60
C ILE B 498 -5.73 21.88 42.09
N GLU B 499 -6.22 20.72 42.52
CA GLU B 499 -7.54 20.59 43.13
C GLU B 499 -8.65 21.06 42.18
N ILE B 500 -8.74 20.39 41.04
CA ILE B 500 -9.76 20.65 40.03
C ILE B 500 -10.36 19.32 39.62
N HIS B 501 -11.68 19.30 39.43
CA HIS B 501 -12.35 18.10 38.98
C HIS B 501 -11.74 17.65 37.65
N PRO B 502 -11.31 16.39 37.53
CA PRO B 502 -10.58 15.98 36.32
C PRO B 502 -11.36 16.18 35.03
N LEU B 503 -12.67 15.96 35.06
CA LEU B 503 -13.46 16.09 33.84
C LEU B 503 -13.42 17.51 33.29
N TYR B 504 -13.44 18.50 34.20
CA TYR B 504 -13.48 19.90 33.80
C TYR B 504 -12.38 20.25 32.81
N LEU B 505 -11.21 19.64 32.95
CA LEU B 505 -10.13 19.83 32.00
C LEU B 505 -10.11 18.76 30.91
N ILE B 506 -10.33 17.49 31.30
CA ILE B 506 -10.13 16.38 30.37
C ILE B 506 -11.14 16.43 29.24
N LEU B 507 -12.42 16.52 29.58
CA LEU B 507 -13.47 16.38 28.57
C LEU B 507 -13.42 17.47 27.51
N PRO B 508 -13.32 18.76 27.84
CA PRO B 508 -13.16 19.76 26.76
C PRO B 508 -11.90 19.51 25.94
N ALA B 509 -10.79 19.15 26.58
CA ALA B 509 -9.58 18.84 25.83
C ALA B 509 -9.76 17.59 24.98
N GLY B 510 -10.44 16.58 25.53
CA GLY B 510 -10.69 15.38 24.76
C GLY B 510 -11.49 15.65 23.50
N LEU B 511 -12.50 16.52 23.60
CA LEU B 511 -13.26 16.90 22.42
C LEU B 511 -12.42 17.77 21.48
N ALA B 512 -11.57 18.63 22.05
CA ALA B 512 -10.73 19.51 21.23
C ALA B 512 -9.71 18.72 20.44
N CYS B 513 -9.29 17.56 20.93
CA CYS B 513 -8.33 16.75 20.19
C CYS B 513 -8.83 16.38 18.80
N SER B 514 -10.15 16.36 18.61
CA SER B 514 -10.73 16.05 17.30
C SER B 514 -10.90 17.28 16.42
N MET B 515 -10.61 18.48 16.93
CA MET B 515 -10.81 19.71 16.17
C MET B 515 -9.61 19.92 15.25
N ALA B 516 -9.58 19.15 14.17
CA ALA B 516 -8.52 19.22 13.16
C ALA B 516 -9.15 19.66 11.84
N PHE B 517 -8.79 20.85 11.37
CA PHE B 517 -9.41 21.39 10.16
C PHE B 517 -8.44 22.06 9.22
N HIS B 518 -7.14 22.08 9.50
CA HIS B 518 -6.21 22.92 8.76
C HIS B 518 -5.43 22.15 7.69
N LEU B 519 -4.84 21.02 8.03
CA LEU B 519 -3.97 20.35 7.10
C LEU B 519 -4.54 19.00 6.69
N PRO B 520 -4.21 18.52 5.49
CA PRO B 520 -4.64 17.18 5.08
C PRO B 520 -4.08 16.08 5.96
N VAL B 521 -2.97 16.32 6.66
CA VAL B 521 -2.39 15.33 7.56
C VAL B 521 -3.00 15.37 8.94
N SER B 522 -3.88 16.35 9.22
CA SER B 522 -4.43 16.49 10.57
C SER B 522 -5.38 15.35 10.90
N THR B 523 -6.21 14.93 9.95
CA THR B 523 -7.19 13.88 10.21
C THR B 523 -7.48 13.16 8.90
N PRO B 524 -7.82 11.87 8.94
CA PRO B 524 -8.02 11.11 7.69
C PRO B 524 -9.09 11.70 6.79
N PRO B 525 -10.21 12.23 7.33
CA PRO B 525 -11.18 12.86 6.41
C PRO B 525 -10.58 13.98 5.58
N ASN B 526 -9.69 14.78 6.17
CA ASN B 526 -9.03 15.84 5.41
C ASN B 526 -8.23 15.27 4.25
N ALA B 527 -7.46 14.22 4.49
CA ALA B 527 -6.69 13.58 3.43
C ALA B 527 -7.60 13.01 2.35
N LEU B 528 -8.69 12.36 2.76
CA LEU B 528 -9.60 11.77 1.78
C LEU B 528 -10.22 12.84 0.90
N VAL B 529 -10.61 13.97 1.49
CA VAL B 529 -11.20 15.05 0.70
C VAL B 529 -10.16 15.66 -0.24
N ALA B 530 -8.95 15.91 0.28
CA ALA B 530 -7.91 16.49 -0.57
C ALA B 530 -7.52 15.55 -1.70
N GLY B 531 -7.70 14.24 -1.50
CA GLY B 531 -7.39 13.29 -2.55
C GLY B 531 -8.49 13.13 -3.58
N TYR B 532 -9.73 12.98 -3.12
CA TYR B 532 -10.84 12.78 -4.05
C TYR B 532 -11.01 13.98 -4.97
N ALA B 533 -11.08 15.17 -4.40
CA ALA B 533 -11.00 16.41 -5.16
C ALA B 533 -9.70 17.11 -4.79
N ASN B 534 -8.89 17.44 -5.79
CA ASN B 534 -7.56 17.96 -5.55
C ASN B 534 -7.68 19.33 -4.88
N ILE B 535 -7.43 19.37 -3.59
CA ILE B 535 -7.58 20.58 -2.78
C ILE B 535 -6.21 20.94 -2.22
N ARG B 536 -5.76 22.16 -2.51
CA ARG B 536 -4.46 22.60 -2.01
C ARG B 536 -4.54 22.90 -0.52
N THR B 537 -3.38 22.90 0.12
CA THR B 537 -3.32 23.09 1.57
C THR B 537 -3.52 24.54 1.98
N LYS B 538 -3.11 25.49 1.13
CA LYS B 538 -3.20 26.91 1.48
C LYS B 538 -4.64 27.33 1.75
N ASP B 539 -5.48 27.25 0.73
CA ASP B 539 -6.87 27.66 0.88
C ASP B 539 -7.59 26.79 1.90
N MET B 540 -7.17 25.53 2.05
CA MET B 540 -7.79 24.67 3.05
C MET B 540 -7.53 25.18 4.45
N ALA B 541 -6.29 25.57 4.74
CA ALA B 541 -5.98 26.14 6.05
C ALA B 541 -6.68 27.48 6.25
N ILE B 542 -6.72 28.30 5.19
CA ILE B 542 -7.42 29.58 5.30
C ILE B 542 -8.89 29.37 5.64
N ALA B 543 -9.51 28.37 5.01
CA ALA B 543 -10.90 28.06 5.34
C ALA B 543 -11.03 27.51 6.76
N GLY B 544 -10.09 26.65 7.17
CA GLY B 544 -10.17 26.03 8.48
C GLY B 544 -9.85 26.96 9.64
N ILE B 545 -9.28 28.14 9.36
CA ILE B 545 -9.06 29.10 10.44
C ILE B 545 -10.36 29.55 11.10
N GLY B 546 -11.49 29.33 10.45
CA GLY B 546 -12.78 29.70 11.00
C GLY B 546 -13.36 28.67 11.97
N PRO B 547 -13.54 27.44 11.49
CA PRO B 547 -14.06 26.39 12.38
C PRO B 547 -13.21 26.17 13.62
N THR B 548 -11.90 26.41 13.55
CA THR B 548 -11.08 26.30 14.74
C THR B 548 -11.54 27.26 15.82
N ILE B 549 -11.68 28.55 15.47
CA ILE B 549 -12.12 29.54 16.43
C ILE B 549 -13.54 29.24 16.90
N ILE B 550 -14.43 28.89 15.96
CA ILE B 550 -15.82 28.62 16.32
C ILE B 550 -15.90 27.48 17.33
N THR B 551 -15.22 26.37 17.03
CA THR B 551 -15.27 25.21 17.90
C THR B 551 -14.62 25.50 19.24
N ILE B 552 -13.50 26.23 19.25
CA ILE B 552 -12.85 26.55 20.52
C ILE B 552 -13.78 27.36 21.41
N ILE B 553 -14.37 28.43 20.86
CA ILE B 553 -15.23 29.29 21.65
C ILE B 553 -16.46 28.53 22.13
N THR B 554 -17.10 27.78 21.24
CA THR B 554 -18.30 27.04 21.61
C THR B 554 -17.99 25.98 22.67
N LEU B 555 -16.88 25.25 22.49
CA LEU B 555 -16.52 24.23 23.45
C LEU B 555 -16.25 24.83 24.81
N PHE B 556 -15.51 25.94 24.87
CA PHE B 556 -15.23 26.60 26.13
C PHE B 556 -16.52 27.07 26.81
N VAL B 557 -17.38 27.76 26.06
CA VAL B 557 -18.60 28.33 26.64
C VAL B 557 -19.51 27.23 27.15
N PHE B 558 -19.78 26.23 26.31
CA PHE B 558 -20.70 25.18 26.73
C PHE B 558 -20.09 24.24 27.76
N CYS B 559 -18.76 24.11 27.80
CA CYS B 559 -18.17 23.48 28.97
C CYS B 559 -18.63 24.25 30.19
N GLN B 560 -18.15 25.50 30.32
CA GLN B 560 -18.34 26.24 31.55
C GLN B 560 -19.81 26.33 31.95
N THR B 561 -20.73 26.39 30.99
CA THR B 561 -22.14 26.54 31.32
C THR B 561 -22.87 25.20 31.36
N TRP B 562 -22.92 24.48 30.24
CA TRP B 562 -23.75 23.31 30.12
C TRP B 562 -23.20 22.12 30.92
N GLY B 563 -21.89 22.03 31.11
CA GLY B 563 -21.36 20.92 31.87
C GLY B 563 -21.86 20.89 33.29
N LEU B 564 -22.08 22.07 33.88
CA LEU B 564 -22.68 22.14 35.20
C LEU B 564 -24.07 21.54 35.21
N VAL B 565 -24.86 21.80 34.16
CA VAL B 565 -26.16 21.16 34.03
C VAL B 565 -26.00 19.65 33.91
N VAL B 566 -25.07 19.20 33.07
CA VAL B 566 -24.84 17.77 32.92
C VAL B 566 -24.19 17.19 34.16
N TYR B 567 -23.15 17.86 34.67
CA TYR B 567 -22.43 17.41 35.87
C TYR B 567 -22.52 18.50 36.93
N PRO B 568 -23.40 18.37 37.92
CA PRO B 568 -23.61 19.47 38.87
C PRO B 568 -22.36 19.85 39.66
N ASN B 569 -21.48 18.90 39.95
CA ASN B 569 -20.31 19.14 40.81
C ASN B 569 -19.03 19.31 40.02
N LEU B 570 -19.12 19.74 38.76
CA LEU B 570 -17.92 19.94 37.96
C LEU B 570 -17.06 21.08 38.51
N ASN B 571 -17.69 22.19 38.92
CA ASN B 571 -16.92 23.32 39.44
C ASN B 571 -16.24 22.98 40.74
N SER B 572 -16.92 22.25 41.63
CA SER B 572 -16.36 21.91 42.92
C SER B 572 -15.35 20.76 42.79
N PHE B 573 -14.76 20.40 43.91
CA PHE B 573 -13.80 19.29 43.98
C PHE B 573 -14.45 18.12 44.70
N PRO B 574 -14.79 17.04 44.02
CA PRO B 574 -15.51 15.94 44.66
C PRO B 574 -14.65 15.21 45.67
N GLU B 575 -15.33 14.36 46.46
CA GLU B 575 -14.65 13.64 47.53
C GLU B 575 -13.64 12.64 46.99
N TRP B 576 -14.03 11.87 45.97
CA TRP B 576 -13.13 10.87 45.41
C TRP B 576 -11.89 11.51 44.79
N ALA B 577 -12.04 12.70 44.21
CA ALA B 577 -10.88 13.42 43.72
C ALA B 577 -9.93 13.77 44.87
N GLN B 578 -10.48 14.18 46.01
CA GLN B 578 -9.63 14.44 47.17
C GLN B 578 -8.93 13.18 47.64
N ILE B 579 -9.64 12.04 47.63
CA ILE B 579 -9.03 10.79 48.04
C ILE B 579 -7.87 10.43 47.12
N TYR B 580 -8.08 10.56 45.81
CA TYR B 580 -7.02 10.24 44.86
C TYR B 580 -5.84 11.20 45.00
N ALA B 581 -6.10 12.49 45.21
CA ALA B 581 -5.01 13.44 45.38
C ALA B 581 -4.21 13.13 46.64
N ALA B 582 -4.90 12.79 47.74
CA ALA B 582 -4.21 12.41 48.97
C ALA B 582 -3.37 11.16 48.77
N ALA B 583 -3.92 10.17 48.03
CA ALA B 583 -3.16 8.96 47.75
C ALA B 583 -1.91 9.27 46.93
N ALA B 584 -2.03 10.16 45.95
CA ALA B 584 -0.90 10.53 45.12
C ALA B 584 -0.17 11.73 45.72
#